data_4R0A
#
_entry.id   4R0A
#
_cell.length_a   105.444
_cell.length_b   133.319
_cell.length_c   120.039
_cell.angle_alpha   90.00
_cell.angle_beta   90.00
_cell.angle_gamma   90.00
#
_symmetry.space_group_name_H-M   'C 2 2 21'
#
loop_
_entity.id
_entity.type
_entity.pdbx_description
1 polymer 'Toll-like receptor 8'
2 branched alpha-D-mannopyranose-(1-3)-[alpha-D-mannopyranose-(2-6)]beta-D-mannopyranose-(1-4)-2-acetamido-2-deoxy-beta-D-glucopyranose-(1-4)-2-acetamido-2-deoxy-beta-D-glucopyranose
3 branched 2-acetamido-2-deoxy-beta-D-glucopyranose-(1-4)-2-acetamido-2-deoxy-beta-D-glucopyranose
4 branched beta-D-mannopyranose-(1-4)-2-acetamido-2-deoxy-beta-D-glucopyranose-(1-4)-2-acetamido-2-deoxy-beta-D-glucopyranose
5 non-polymer URIDINE
6 non-polymer 2-acetamido-2-deoxy-beta-D-glucopyranose
7 water water
#
_entity_poly.entity_id   1
_entity_poly.type   'polypeptide(L)'
_entity_poly.pdbx_seq_one_letter_code
;RSPWEENFSRSYPCDEKKQNDSVIAECSNRRLQEVPQTVGKYVTELDLSDNFITHITNESFQGLQNLTKINLNHNPNVQH
QNGNPGIQSNGLNITDGAFLNLKNLRELLLEDNQLPQIPSGLPESLTELSLIQNNIYNITKEGISRLINLKNLYLAWNCY
FNKVCEKTNIEDGVFETLTNLELLSLSFNSLSHVPPKLPSSLRKLFLSNTQIKYISEEDFKGLINLTLLDLSGNCPRCFN
APFPCVPCDGGASINIDRFAFQNLTQLRYLNLSSTSLRKINAAWFKNMPHLKVLDLEFNYLVGEIASGAFLTMLPRLEIL
DLSFNYIKGSYPQHINISRNFSKLLSLRALHLRGYVFQELREDDFQPLMQLPNLSTINLGINFIKQIDFKLFQNFSNLEI
IYLSENRISPLVKDTRQSYANSSSFQRHIRKRRSTDFEFDPHSNFYHFTRPLIKPQCAAYGKALDLSLNSIFFIGPNQFE
NLPDIACLNLSANSNAQVLSGTEFSAIPHVKYLDLTNNRLDFDNASALTELSDLEVLDLSYNSHYFRIAGVTHHLEFIQN
FTNLKVLNLSHNNIYTLTDKYNLESKSLVELVFSGNRLDILWNDDDNRYISIFKGLKNLTRLDLSLNRLKHIPNEAFLNL
PASLTELHINDNMLKFFNWTLLQQFPRLELLDLRGNKLLFLTDSLSDFTSSLRTLLLSHNRISHLPSGFLSEVSSLKHLD
LSSNLLKTINKSALETKTTTKLSMLELHGNPFECTCDIGDFRRWMDEHLNVKIPRLVDVICASPGDQRGKSIVSLELTTC
VSDVTEFLVPR
;
_entity_poly.pdbx_strand_id   A
#
# COMPACT_ATOMS: atom_id res chain seq x y z
N ARG A 10 13.26 24.49 -5.65
CA ARG A 10 14.15 24.84 -4.49
C ARG A 10 15.61 24.89 -4.96
N SER A 11 15.99 23.97 -5.84
CA SER A 11 17.33 23.95 -6.44
C SER A 11 17.27 23.38 -7.85
N TYR A 12 16.60 24.11 -8.74
CA TYR A 12 16.17 23.56 -10.02
C TYR A 12 17.32 22.86 -10.77
N PRO A 13 17.06 21.70 -11.36
CA PRO A 13 15.72 21.09 -11.46
C PRO A 13 15.32 20.25 -10.26
N CYS A 14 16.10 20.33 -9.21
CA CYS A 14 15.92 19.46 -8.07
C CYS A 14 15.34 20.24 -6.90
N ASP A 15 14.51 19.60 -6.10
CA ASP A 15 14.24 20.06 -4.74
C ASP A 15 15.50 19.85 -3.90
N GLU A 16 15.49 20.34 -2.66
CA GLU A 16 16.35 19.78 -1.62
C GLU A 16 15.67 19.74 -0.27
N LYS A 17 16.03 18.77 0.54
CA LYS A 17 15.67 18.76 1.94
C LYS A 17 16.94 18.81 2.77
N LYS A 18 17.05 19.79 3.66
CA LYS A 18 18.21 19.88 4.55
C LYS A 18 17.92 19.07 5.81
N GLN A 19 17.39 17.86 5.61
CA GLN A 19 16.70 17.12 6.64
C GLN A 19 17.50 15.85 7.03
N ASN A 20 18.26 15.89 8.12
CA ASN A 20 18.39 17.04 9.02
C ASN A 20 19.86 17.36 9.32
N ASP A 21 20.59 16.35 9.79
CA ASP A 21 22.03 16.34 9.71
C ASP A 21 22.49 16.47 8.27
N SER A 22 21.72 15.87 7.35
CA SER A 22 22.16 15.65 5.97
C SER A 22 21.31 16.42 4.93
N VAL A 23 21.60 16.20 3.64
CA VAL A 23 21.07 17.04 2.57
C VAL A 23 20.68 16.22 1.32
N ILE A 24 19.38 15.96 1.19
CA ILE A 24 18.84 15.17 0.09
C ILE A 24 18.38 16.05 -1.09
N ALA A 25 18.92 15.80 -2.28
CA ALA A 25 18.39 16.38 -3.52
C ALA A 25 17.44 15.41 -4.23
N GLU A 26 16.15 15.62 -4.07
CA GLU A 26 15.15 14.90 -4.83
C GLU A 26 15.11 15.43 -6.25
N CYS A 27 15.75 14.73 -7.19
CA CYS A 27 15.63 15.06 -8.61
C CYS A 27 14.89 13.98 -9.38
N SER A 28 14.00 13.27 -8.71
CA SER A 28 13.26 12.16 -9.30
C SER A 28 12.25 12.53 -10.40
N ASN A 29 11.95 11.59 -11.30
CA ASN A 29 10.86 11.72 -12.28
C ASN A 29 10.68 13.10 -12.90
N ARG A 30 11.75 13.62 -13.47
CA ARG A 30 11.76 15.00 -13.96
C ARG A 30 12.20 15.00 -15.44
N ARG A 31 11.95 13.87 -16.10
CA ARG A 31 12.45 13.65 -17.46
C ARG A 31 13.78 14.31 -17.77
N LEU A 32 14.74 14.29 -16.84
CA LEU A 32 16.11 14.71 -17.18
C LEU A 32 16.79 13.77 -18.16
N GLN A 33 17.66 14.36 -18.98
CA GLN A 33 18.35 13.65 -20.05
C GLN A 33 19.83 13.53 -19.70
N GLU A 34 20.24 14.25 -18.66
CA GLU A 34 21.57 14.16 -18.13
C GLU A 34 21.57 14.43 -16.63
N VAL A 35 22.66 14.08 -15.95
CA VAL A 35 22.80 14.51 -14.57
C VAL A 35 23.01 16.04 -14.57
N PRO A 36 22.15 16.77 -13.86
CA PRO A 36 22.28 18.21 -13.90
C PRO A 36 23.52 18.66 -13.20
N GLN A 37 24.18 19.67 -13.74
CA GLN A 37 25.46 20.10 -13.22
C GLN A 37 25.28 21.16 -12.16
N THR A 38 24.04 21.43 -11.81
CA THR A 38 23.74 22.48 -10.86
C THR A 38 23.54 21.98 -9.44
N VAL A 39 23.94 20.75 -9.15
CA VAL A 39 23.68 20.19 -7.82
C VAL A 39 24.65 20.75 -6.80
N GLY A 40 24.09 21.27 -5.71
CA GLY A 40 24.90 21.87 -4.66
C GLY A 40 25.83 20.89 -3.96
N LYS A 41 27.11 21.25 -3.89
CA LYS A 41 28.13 20.39 -3.31
C LYS A 41 27.93 20.11 -1.81
N TYR A 42 26.82 20.63 -1.26
CA TYR A 42 26.44 20.35 0.11
C TYR A 42 25.56 19.09 0.21
N VAL A 43 25.22 18.52 -0.94
CA VAL A 43 24.27 17.42 -0.98
C VAL A 43 24.97 16.10 -0.60
N THR A 44 24.31 15.28 0.20
CA THR A 44 24.85 13.99 0.60
C THR A 44 24.16 12.81 -0.10
N GLU A 45 22.87 12.93 -0.42
CA GLU A 45 22.12 11.91 -1.10
C GLU A 45 21.45 12.46 -2.33
N LEU A 46 21.59 11.79 -3.46
CA LEU A 46 21.02 12.30 -4.71
C LEU A 46 20.12 11.27 -5.37
N ASP A 47 18.84 11.60 -5.50
CA ASP A 47 17.86 10.76 -6.17
C ASP A 47 17.63 11.21 -7.59
N LEU A 48 18.22 10.48 -8.54
CA LEU A 48 18.01 10.71 -9.96
C LEU A 48 17.16 9.63 -10.61
N SER A 49 16.32 8.93 -9.85
CA SER A 49 15.60 7.81 -10.41
C SER A 49 14.50 8.31 -11.36
N ASP A 50 14.05 7.42 -12.23
CA ASP A 50 12.90 7.68 -13.09
C ASP A 50 13.09 8.89 -14.01
N ASN A 51 14.26 9.02 -14.60
CA ASN A 51 14.50 10.10 -15.55
C ASN A 51 14.80 9.49 -16.91
N PHE A 52 15.37 10.27 -17.82
CA PHE A 52 15.71 9.74 -19.13
C PHE A 52 17.22 9.72 -19.33
N ILE A 53 17.97 9.45 -18.26
CA ILE A 53 19.42 9.51 -18.35
C ILE A 53 19.95 8.27 -19.03
N THR A 54 20.73 8.48 -20.12
CA THR A 54 21.30 7.36 -20.89
C THR A 54 22.80 7.25 -20.72
N HIS A 55 23.40 8.24 -20.09
CA HIS A 55 24.86 8.24 -19.90
C HIS A 55 25.34 8.68 -18.53
N ILE A 56 26.33 7.97 -18.00
CA ILE A 56 27.08 8.45 -16.83
C ILE A 56 28.56 8.46 -17.20
N THR A 57 29.22 9.58 -16.94
CA THR A 57 30.66 9.72 -17.21
C THR A 57 31.40 10.28 -15.97
N ASN A 58 32.71 10.44 -16.08
CA ASN A 58 33.49 11.10 -15.03
C ASN A 58 33.08 12.56 -14.85
N GLU A 59 32.41 13.14 -15.85
CA GLU A 59 31.89 14.50 -15.71
C GLU A 59 30.65 14.52 -14.84
N SER A 60 29.90 13.43 -14.86
CA SER A 60 28.58 13.46 -14.27
C SER A 60 28.55 13.94 -12.80
N PHE A 61 29.47 13.46 -11.97
CA PHE A 61 29.50 13.97 -10.59
C PHE A 61 30.87 14.54 -10.26
N GLN A 62 31.10 15.80 -10.65
CA GLN A 62 32.46 16.34 -10.79
C GLN A 62 33.25 16.46 -9.47
N GLY A 63 32.74 17.19 -8.48
CA GLY A 63 31.37 17.65 -8.43
C GLY A 63 30.61 16.73 -7.51
N LEU A 64 30.43 17.18 -6.27
CA LEU A 64 29.54 16.51 -5.31
C LEU A 64 30.34 15.45 -4.52
N GLN A 65 31.37 15.92 -3.85
CA GLN A 65 32.33 15.04 -3.25
C GLN A 65 31.83 14.53 -1.90
N ASN A 66 30.78 15.15 -1.38
CA ASN A 66 30.10 14.66 -0.18
C ASN A 66 28.97 13.69 -0.44
N LEU A 67 28.77 13.32 -1.70
CA LEU A 67 27.76 12.32 -2.03
C LEU A 67 28.06 11.00 -1.34
N THR A 68 27.13 10.52 -0.53
CA THR A 68 27.20 9.17 0.06
C THR A 68 26.16 8.19 -0.54
N LYS A 69 25.15 8.72 -1.21
CA LYS A 69 24.15 7.87 -1.82
C LYS A 69 23.69 8.45 -3.16
N ILE A 70 23.58 7.59 -4.18
CA ILE A 70 23.05 7.97 -5.49
C ILE A 70 22.04 6.93 -5.95
N ASN A 71 20.85 7.37 -6.28
CA ASN A 71 19.81 6.46 -6.77
C ASN A 71 19.55 6.72 -8.26
N LEU A 72 19.98 5.80 -9.10
CA LEU A 72 19.76 5.92 -10.52
C LEU A 72 18.74 4.95 -11.08
N ASN A 73 18.00 4.27 -10.23
CA ASN A 73 16.98 3.38 -10.69
C ASN A 73 16.10 3.92 -11.83
N HIS A 74 15.71 3.00 -12.73
CA HIS A 74 14.72 3.27 -13.78
C HIS A 74 15.15 4.43 -14.71
N ASN A 75 16.38 4.38 -15.17
CA ASN A 75 16.88 5.24 -16.25
C ASN A 75 17.43 4.36 -17.39
N PRO A 76 17.34 4.81 -18.63
CA PRO A 76 16.29 5.69 -19.07
C PRO A 76 14.95 4.96 -18.96
N ASN A 77 13.93 5.66 -18.51
CA ASN A 77 12.65 5.02 -18.29
C ASN A 77 11.78 5.25 -19.54
N VAL A 78 11.88 4.30 -20.48
CA VAL A 78 11.59 4.51 -21.90
C VAL A 78 10.33 3.74 -22.35
N GLY A 91 19.77 0.68 -22.60
CA GLY A 91 19.84 0.95 -21.17
C GLY A 91 20.78 2.09 -20.80
N LEU A 92 21.25 2.09 -19.58
CA LEU A 92 22.07 3.17 -19.12
C LEU A 92 23.53 2.81 -19.44
N ASN A 93 24.27 3.75 -20.01
CA ASN A 93 25.63 3.40 -20.43
C ASN A 93 26.62 4.04 -19.47
N ILE A 94 27.31 3.23 -18.68
CA ILE A 94 28.16 3.80 -17.62
C ILE A 94 29.63 3.61 -17.92
N THR A 95 30.37 4.70 -17.99
CA THR A 95 31.78 4.55 -18.31
C THR A 95 32.54 3.92 -17.14
N ASP A 96 33.60 3.20 -17.49
CA ASP A 96 34.53 2.65 -16.53
C ASP A 96 35.01 3.74 -15.61
N GLY A 97 34.82 3.53 -14.31
CA GLY A 97 35.38 4.41 -13.32
C GLY A 97 34.66 5.72 -13.17
N ALA A 98 33.44 5.78 -13.69
CA ALA A 98 32.66 7.00 -13.64
C ALA A 98 32.44 7.45 -12.24
N PHE A 99 32.24 6.50 -11.33
CA PHE A 99 31.97 6.87 -9.96
C PHE A 99 33.26 6.85 -9.15
N LEU A 100 34.38 6.56 -9.80
CA LEU A 100 35.57 6.08 -9.09
C LEU A 100 36.14 7.13 -8.19
N ASN A 101 35.78 8.39 -8.38
CA ASN A 101 36.38 9.45 -7.60
C ASN A 101 35.43 10.01 -6.56
N LEU A 102 34.34 9.29 -6.28
CA LEU A 102 33.44 9.70 -5.20
C LEU A 102 33.85 8.91 -3.97
N LYS A 103 34.71 9.54 -3.18
CA LYS A 103 35.36 8.88 -2.06
C LYS A 103 34.39 8.46 -0.96
N ASN A 104 33.29 9.20 -0.80
CA ASN A 104 32.36 8.96 0.28
C ASN A 104 31.16 8.15 -0.16
N LEU A 105 31.20 7.61 -1.37
CA LEU A 105 29.98 7.02 -1.91
C LEU A 105 29.77 5.65 -1.23
N ARG A 106 28.66 5.47 -0.55
CA ARG A 106 28.38 4.19 0.13
C ARG A 106 27.27 3.37 -0.53
N GLU A 107 26.24 4.05 -1.01
CA GLU A 107 25.12 3.36 -1.57
C GLU A 107 24.89 3.79 -3.01
N LEU A 108 24.75 2.78 -3.89
CA LEU A 108 24.54 3.01 -5.33
C LEU A 108 23.45 2.12 -5.84
N LEU A 109 22.32 2.72 -6.23
CA LEU A 109 21.22 1.97 -6.75
C LEU A 109 21.17 2.11 -8.28
N LEU A 110 21.27 0.96 -8.93
CA LEU A 110 21.23 0.95 -10.37
C LEU A 110 20.28 -0.11 -10.83
N GLU A 111 19.03 -0.01 -10.39
CA GLU A 111 18.02 -1.02 -10.73
C GLU A 111 17.39 -0.66 -12.07
N ASP A 112 17.02 -1.67 -12.84
CA ASP A 112 16.17 -1.47 -14.02
C ASP A 112 16.78 -0.47 -14.98
N ASN A 113 18.05 -0.69 -15.31
CA ASN A 113 18.73 0.24 -16.21
C ASN A 113 19.16 -0.47 -17.49
N GLN A 114 18.62 -1.66 -17.69
CA GLN A 114 19.00 -2.53 -18.80
C GLN A 114 20.51 -2.72 -18.91
N LEU A 115 21.20 -2.76 -17.79
CA LEU A 115 22.66 -2.90 -17.82
C LEU A 115 23.08 -4.28 -18.31
N PRO A 116 24.04 -4.31 -19.26
CA PRO A 116 24.48 -5.60 -19.80
C PRO A 116 25.64 -6.19 -18.98
N GLN A 117 26.23 -5.39 -18.11
CA GLN A 117 27.32 -5.89 -17.26
C GLN A 117 27.34 -5.07 -15.97
N ILE A 118 27.97 -5.60 -14.95
CA ILE A 118 28.37 -4.78 -13.80
C ILE A 118 29.32 -3.70 -14.25
N PRO A 119 29.03 -2.45 -13.90
CA PRO A 119 29.94 -1.38 -14.30
C PRO A 119 31.34 -1.62 -13.73
N SER A 120 32.34 -1.22 -14.49
CA SER A 120 33.72 -1.40 -14.10
C SER A 120 34.22 -0.24 -13.29
N GLY A 121 35.17 -0.50 -12.43
CA GLY A 121 35.86 0.59 -11.74
C GLY A 121 34.93 1.30 -10.75
N LEU A 122 34.10 0.52 -10.06
CA LEU A 122 33.29 1.09 -9.00
C LEU A 122 34.22 1.30 -7.80
N PRO A 123 33.91 2.31 -6.98
CA PRO A 123 34.67 2.70 -5.81
C PRO A 123 34.58 1.73 -4.63
N GLU A 124 35.70 1.61 -3.95
CA GLU A 124 35.89 0.65 -2.89
C GLU A 124 35.16 1.07 -1.60
N SER A 125 34.77 2.33 -1.58
CA SER A 125 33.92 2.89 -0.54
C SER A 125 32.55 2.23 -0.38
N LEU A 126 32.05 1.52 -1.39
CA LEU A 126 30.67 1.13 -1.41
C LEU A 126 30.35 0.15 -0.36
N THR A 127 29.21 0.36 0.30
CA THR A 127 28.61 -0.67 1.20
C THR A 127 27.33 -1.30 0.74
N GLU A 128 26.63 -0.67 -0.19
CA GLU A 128 25.38 -1.23 -0.71
C GLU A 128 25.42 -1.01 -2.23
N LEU A 129 25.09 -2.05 -2.98
CA LEU A 129 25.00 -1.98 -4.45
C LEU A 129 23.82 -2.79 -4.91
N SER A 130 22.87 -2.12 -5.56
CA SER A 130 21.76 -2.82 -6.12
C SER A 130 21.74 -2.79 -7.67
N LEU A 131 21.61 -3.97 -8.25
CA LEU A 131 21.65 -4.14 -9.70
C LEU A 131 20.46 -5.02 -10.14
N ILE A 132 19.39 -4.95 -9.33
CA ILE A 132 18.14 -5.70 -9.58
C ILE A 132 17.53 -5.29 -10.91
N GLN A 133 16.95 -6.23 -11.64
CA GLN A 133 16.25 -5.92 -12.93
C GLN A 133 17.10 -5.28 -14.01
N ASN A 134 18.22 -5.92 -14.33
CA ASN A 134 19.05 -5.51 -15.43
C ASN A 134 19.25 -6.72 -16.34
N ASN A 135 20.24 -6.65 -17.23
CA ASN A 135 20.62 -7.74 -18.14
C ASN A 135 22.02 -8.30 -17.89
N ILE A 136 22.34 -8.41 -16.60
CA ILE A 136 23.63 -8.92 -16.14
C ILE A 136 23.61 -10.42 -15.94
N TYR A 137 24.44 -11.15 -16.70
CA TYR A 137 24.57 -12.61 -16.57
C TYR A 137 26.06 -12.99 -16.30
N ASN A 138 26.84 -11.99 -15.99
CA ASN A 138 28.26 -12.13 -15.83
C ASN A 138 28.69 -11.46 -14.52
N ILE A 139 28.90 -12.27 -13.49
CA ILE A 139 29.41 -11.80 -12.18
C ILE A 139 30.92 -12.13 -11.96
N THR A 140 31.78 -11.15 -12.14
CA THR A 140 33.17 -11.41 -12.28
C THR A 140 33.95 -10.81 -11.11
N LYS A 141 35.11 -11.38 -10.82
CA LYS A 141 36.05 -10.79 -9.86
C LYS A 141 36.46 -9.39 -10.25
N GLU A 142 36.62 -9.19 -11.54
CA GLU A 142 37.01 -7.88 -12.04
C GLU A 142 35.97 -6.86 -11.67
N GLY A 143 34.70 -7.31 -11.67
CA GLY A 143 33.63 -6.38 -11.35
C GLY A 143 33.47 -6.04 -9.87
N ILE A 144 33.51 -7.05 -9.01
CA ILE A 144 33.09 -6.83 -7.64
C ILE A 144 34.08 -7.27 -6.59
N SER A 145 35.09 -8.06 -6.94
CA SER A 145 35.90 -8.67 -5.91
C SER A 145 36.69 -7.69 -5.08
N ARG A 146 36.98 -6.52 -5.64
CA ARG A 146 37.63 -5.44 -4.92
C ARG A 146 36.72 -4.53 -4.07
N LEU A 147 35.41 -4.74 -4.17
CA LEU A 147 34.46 -3.94 -3.40
C LEU A 147 34.34 -4.49 -1.94
N ILE A 148 35.44 -4.45 -1.22
CA ILE A 148 35.57 -5.30 -0.06
C ILE A 148 34.81 -4.71 1.13
N ASN A 149 34.26 -3.51 0.96
CA ASN A 149 33.40 -2.95 1.97
C ASN A 149 31.91 -3.27 1.82
N LEU A 150 31.54 -3.99 0.75
CA LEU A 150 30.14 -4.30 0.49
C LEU A 150 29.54 -5.11 1.59
N LYS A 151 28.39 -4.64 2.07
CA LYS A 151 27.55 -5.39 3.02
C LYS A 151 26.36 -6.02 2.35
N ASN A 152 25.74 -5.26 1.46
CA ASN A 152 24.49 -5.72 0.81
C ASN A 152 24.65 -5.66 -0.68
N LEU A 153 24.37 -6.79 -1.34
CA LEU A 153 24.55 -6.84 -2.81
C LEU A 153 23.33 -7.52 -3.40
N TYR A 154 22.60 -6.76 -4.18
CA TYR A 154 21.38 -7.19 -4.82
C TYR A 154 21.60 -7.43 -6.30
N LEU A 155 21.40 -8.66 -6.74
CA LEU A 155 21.49 -8.97 -8.15
C LEU A 155 20.30 -9.72 -8.71
N ALA A 156 19.15 -9.55 -8.05
CA ALA A 156 17.97 -10.38 -8.32
C ALA A 156 17.29 -9.91 -9.60
N TRP A 157 16.52 -10.81 -10.19
CA TRP A 157 15.65 -10.48 -11.35
C TRP A 157 16.44 -10.00 -12.56
N ASN A 158 17.52 -10.69 -12.91
CA ASN A 158 18.17 -10.40 -14.20
C ASN A 158 17.79 -11.44 -15.28
N CYS A 159 17.23 -12.59 -14.88
CA CYS A 159 16.89 -13.66 -15.86
C CYS A 159 15.84 -14.60 -15.34
N TYR A 160 14.62 -14.53 -15.88
CA TYR A 160 13.51 -15.23 -15.24
C TYR A 160 12.37 -15.36 -16.24
N PHE A 161 11.43 -16.25 -15.91
CA PHE A 161 10.19 -16.41 -16.68
C PHE A 161 10.58 -16.65 -18.15
N ASN A 162 10.01 -15.91 -19.11
CA ASN A 162 10.28 -16.11 -20.53
C ASN A 162 11.04 -14.94 -21.09
N LYS A 163 11.74 -14.22 -20.22
CA LYS A 163 12.72 -13.24 -20.67
C LYS A 163 13.74 -13.93 -21.51
N VAL A 164 14.23 -13.22 -22.53
CA VAL A 164 15.33 -13.72 -23.31
C VAL A 164 16.60 -13.36 -22.54
N CYS A 165 17.34 -14.37 -22.11
CA CYS A 165 18.51 -14.13 -21.25
C CYS A 165 19.36 -15.38 -21.11
N GLU A 166 20.58 -15.18 -20.62
CA GLU A 166 21.56 -16.25 -20.38
C GLU A 166 21.67 -16.70 -18.93
N LYS A 167 22.04 -17.96 -18.73
CA LYS A 167 22.37 -18.49 -17.41
C LYS A 167 23.42 -17.60 -16.75
N THR A 168 23.35 -17.45 -15.44
CA THR A 168 24.26 -16.56 -14.74
C THR A 168 25.65 -17.23 -14.54
N ASN A 169 26.67 -16.57 -15.07
CA ASN A 169 28.04 -17.06 -14.91
C ASN A 169 28.69 -16.40 -13.69
N ILE A 170 28.88 -17.18 -12.64
CA ILE A 170 29.49 -16.66 -11.41
C ILE A 170 30.90 -17.20 -11.30
N GLU A 171 31.85 -16.31 -11.50
CA GLU A 171 33.24 -16.69 -11.46
C GLU A 171 33.60 -17.23 -10.10
N ASP A 172 34.34 -18.32 -10.09
CA ASP A 172 34.61 -19.08 -8.86
C ASP A 172 35.37 -18.20 -7.87
N GLY A 173 34.85 -18.18 -6.64
CA GLY A 173 35.42 -17.34 -5.56
C GLY A 173 35.24 -15.82 -5.71
N VAL A 174 34.33 -15.37 -6.57
CA VAL A 174 34.06 -13.93 -6.72
C VAL A 174 33.61 -13.24 -5.41
N PHE A 175 32.88 -13.97 -4.59
CA PHE A 175 32.26 -13.40 -3.38
C PHE A 175 33.17 -13.59 -2.15
N GLU A 176 34.16 -14.46 -2.31
CA GLU A 176 34.98 -14.93 -1.22
C GLU A 176 35.76 -13.80 -0.57
N THR A 177 36.19 -12.81 -1.35
CA THR A 177 36.89 -11.67 -0.81
C THR A 177 36.01 -10.59 -0.14
N LEU A 178 34.70 -10.77 -0.20
CA LEU A 178 33.73 -9.82 0.39
C LEU A 178 33.41 -10.26 1.81
N THR A 179 34.42 -10.11 2.67
CA THR A 179 34.40 -10.70 3.98
C THR A 179 33.58 -9.82 4.94
N ASN A 180 33.05 -8.69 4.45
CA ASN A 180 31.96 -7.94 5.14
C ASN A 180 30.53 -8.14 4.63
N LEU A 181 30.36 -8.98 3.64
CA LEU A 181 29.06 -9.19 3.00
C LEU A 181 28.09 -9.89 3.93
N GLU A 182 26.95 -9.23 4.14
CA GLU A 182 25.93 -9.73 5.01
C GLU A 182 24.66 -10.11 4.26
N LEU A 183 24.42 -9.44 3.15
CA LEU A 183 23.24 -9.78 2.37
C LEU A 183 23.56 -9.98 0.94
N LEU A 184 23.15 -11.16 0.46
CA LEU A 184 23.35 -11.49 -0.96
C LEU A 184 22.05 -11.93 -1.59
N SER A 185 21.60 -11.20 -2.60
CA SER A 185 20.35 -11.59 -3.26
C SER A 185 20.57 -11.94 -4.72
N LEU A 186 20.32 -13.20 -5.05
CA LEU A 186 20.52 -13.69 -6.44
C LEU A 186 19.29 -14.32 -7.01
N SER A 187 18.13 -14.04 -6.39
CA SER A 187 16.86 -14.67 -6.80
C SER A 187 16.47 -14.24 -8.20
N PHE A 188 15.67 -15.06 -8.88
CA PHE A 188 15.17 -14.73 -10.24
C PHE A 188 16.30 -14.49 -11.22
N ASN A 189 17.17 -15.49 -11.25
CA ASN A 189 18.29 -15.65 -12.16
C ASN A 189 18.46 -17.14 -12.36
N SER A 190 18.94 -17.55 -13.53
CA SER A 190 19.22 -18.98 -13.72
C SER A 190 20.64 -19.36 -13.25
N LEU A 191 20.70 -20.11 -12.14
CA LEU A 191 21.98 -20.42 -11.47
C LEU A 191 22.37 -21.90 -11.53
N SER A 192 21.39 -22.79 -11.36
CA SER A 192 21.55 -24.27 -11.28
C SER A 192 22.25 -24.85 -10.06
N HIS A 193 23.21 -24.10 -9.53
CA HIS A 193 23.87 -24.50 -8.28
C HIS A 193 24.07 -23.31 -7.33
N VAL A 194 24.00 -23.56 -6.03
CA VAL A 194 24.45 -22.58 -5.04
C VAL A 194 25.88 -22.17 -5.39
N PRO A 195 26.17 -20.89 -5.45
CA PRO A 195 27.58 -20.64 -5.67
C PRO A 195 28.49 -21.14 -4.52
N PRO A 196 29.66 -21.69 -4.85
CA PRO A 196 30.64 -21.98 -3.81
C PRO A 196 31.43 -20.76 -3.35
N LYS A 197 32.22 -20.95 -2.30
CA LYS A 197 33.11 -19.90 -1.79
C LYS A 197 32.34 -18.61 -1.39
N LEU A 198 31.27 -18.81 -0.66
CA LEU A 198 30.46 -17.70 -0.08
C LEU A 198 31.15 -17.27 1.23
N PRO A 199 31.19 -15.98 1.52
CA PRO A 199 31.85 -15.50 2.72
C PRO A 199 31.03 -15.83 3.94
N SER A 200 31.73 -16.15 5.01
CA SER A 200 31.08 -16.63 6.23
C SER A 200 30.48 -15.48 7.07
N SER A 201 30.67 -14.24 6.58
CA SER A 201 29.95 -13.08 7.08
C SER A 201 28.50 -13.06 6.71
N LEU A 202 28.07 -13.85 5.73
CA LEU A 202 26.67 -13.78 5.29
C LEU A 202 25.66 -13.97 6.38
N ARG A 203 24.67 -13.08 6.39
CA ARG A 203 23.52 -13.21 7.26
C ARG A 203 22.25 -13.56 6.49
N LYS A 204 22.12 -13.00 5.28
CA LYS A 204 20.90 -13.27 4.53
C LYS A 204 21.21 -13.65 3.12
N LEU A 205 20.72 -14.82 2.72
CA LEU A 205 21.05 -15.40 1.44
C LEU A 205 19.76 -15.72 0.68
N PHE A 206 19.53 -14.96 -0.37
CA PHE A 206 18.31 -15.12 -1.18
C PHE A 206 18.63 -15.83 -2.50
N LEU A 207 18.00 -16.98 -2.71
CA LEU A 207 18.24 -17.83 -3.87
C LEU A 207 16.89 -18.33 -4.44
N SER A 208 15.83 -17.51 -4.39
CA SER A 208 14.54 -17.97 -4.85
C SER A 208 14.55 -18.04 -6.36
N ASN A 209 13.77 -18.99 -6.88
CA ASN A 209 13.61 -19.11 -8.32
C ASN A 209 14.95 -19.06 -9.08
N THR A 210 15.89 -19.91 -8.72
CA THR A 210 17.24 -19.90 -9.33
C THR A 210 17.57 -21.20 -10.07
N GLN A 211 16.57 -22.07 -10.18
CA GLN A 211 16.63 -23.31 -10.96
C GLN A 211 17.63 -24.28 -10.37
N ILE A 212 17.64 -24.33 -9.04
CA ILE A 212 18.54 -25.12 -8.29
C ILE A 212 17.77 -26.34 -7.86
N LYS A 213 18.15 -27.52 -8.33
CA LYS A 213 17.36 -28.71 -8.00
C LYS A 213 17.89 -29.47 -6.79
N TYR A 214 19.16 -29.29 -6.51
CA TYR A 214 19.81 -30.11 -5.49
C TYR A 214 20.59 -29.21 -4.54
N ILE A 215 20.35 -29.43 -3.24
CA ILE A 215 21.08 -28.75 -2.18
C ILE A 215 21.98 -29.76 -1.44
N SER A 216 23.29 -29.61 -1.64
CA SER A 216 24.28 -30.57 -1.10
C SER A 216 24.74 -30.14 0.28
N GLU A 217 25.36 -31.09 0.97
CA GLU A 217 25.93 -30.87 2.30
C GLU A 217 26.96 -29.78 2.31
N GLU A 218 27.61 -29.53 1.18
CA GLU A 218 28.69 -28.55 1.11
C GLU A 218 28.19 -27.13 0.89
N ASP A 219 26.99 -27.01 0.34
CA ASP A 219 26.49 -25.70 -0.11
C ASP A 219 26.45 -24.57 0.93
N PHE A 220 26.05 -24.88 2.17
CA PHE A 220 25.98 -23.83 3.23
C PHE A 220 26.77 -24.17 4.46
N LYS A 221 27.66 -25.16 4.35
CA LYS A 221 28.42 -25.68 5.49
C LYS A 221 29.10 -24.63 6.38
N GLY A 222 29.80 -23.69 5.75
CA GLY A 222 30.55 -22.73 6.56
C GLY A 222 29.77 -21.50 6.99
N LEU A 223 28.47 -21.45 6.72
CA LEU A 223 27.70 -20.20 6.90
C LEU A 223 27.06 -20.12 8.22
N ILE A 224 27.88 -20.06 9.25
CA ILE A 224 27.37 -20.18 10.61
C ILE A 224 26.65 -18.90 11.08
N ASN A 225 26.85 -17.77 10.39
CA ASN A 225 26.20 -16.54 10.74
C ASN A 225 24.81 -16.35 10.09
N LEU A 226 24.34 -17.30 9.29
CA LEU A 226 23.16 -17.08 8.49
C LEU A 226 21.93 -17.04 9.35
N THR A 227 21.08 -16.03 9.11
CA THR A 227 19.82 -15.95 9.82
C THR A 227 18.61 -16.05 8.86
N LEU A 228 18.84 -15.81 7.56
CA LEU A 228 17.83 -15.97 6.52
C LEU A 228 18.36 -16.77 5.33
N LEU A 229 17.58 -17.75 4.95
CA LEU A 229 17.82 -18.48 3.72
C LEU A 229 16.52 -18.67 2.97
N ASP A 230 16.53 -18.20 1.73
CA ASP A 230 15.36 -18.26 0.87
C ASP A 230 15.71 -19.14 -0.33
N LEU A 231 15.12 -20.35 -0.34
CA LEU A 231 15.27 -21.30 -1.45
C LEU A 231 13.96 -21.55 -2.18
N SER A 232 13.00 -20.64 -2.04
CA SER A 232 11.71 -20.80 -2.66
C SER A 232 11.76 -20.91 -4.19
N GLY A 233 10.78 -21.63 -4.76
CA GLY A 233 10.57 -21.65 -6.20
C GLY A 233 11.64 -22.43 -6.96
N ASN A 234 12.42 -23.22 -6.23
CA ASN A 234 13.33 -24.20 -6.80
C ASN A 234 12.65 -25.60 -6.82
N CYS A 235 12.50 -26.18 -8.01
CA CYS A 235 11.48 -27.21 -8.24
C CYS A 235 10.05 -26.73 -7.84
N PRO A 236 9.55 -25.76 -8.58
CA PRO A 236 8.27 -25.14 -8.19
C PRO A 236 7.06 -26.04 -8.39
N ARG A 237 6.04 -25.75 -7.60
CA ARG A 237 4.69 -26.24 -7.84
C ARG A 237 4.07 -25.34 -8.89
N CYS A 238 3.84 -25.86 -10.09
CA CYS A 238 3.39 -25.01 -11.21
C CYS A 238 1.90 -25.06 -11.56
N PHE A 239 1.12 -25.96 -10.96
CA PHE A 239 -0.30 -25.98 -11.26
C PHE A 239 -0.90 -24.59 -10.94
N ASN A 240 -1.58 -24.01 -11.92
CA ASN A 240 -2.31 -22.75 -11.71
C ASN A 240 -1.39 -21.55 -11.41
N ALA A 241 -0.13 -21.65 -11.85
CA ALA A 241 0.84 -20.64 -11.58
C ALA A 241 0.46 -19.35 -12.30
N PRO A 242 0.61 -18.23 -11.63
CA PRO A 242 0.27 -16.92 -12.24
C PRO A 242 1.47 -16.28 -12.97
N PHE A 243 2.44 -17.09 -13.33
CA PHE A 243 3.64 -16.68 -14.06
C PHE A 243 4.14 -17.87 -14.87
N PRO A 244 5.01 -17.64 -15.88
CA PRO A 244 5.59 -18.77 -16.56
C PRO A 244 6.42 -19.66 -15.63
N CYS A 245 6.02 -20.89 -15.47
CA CYS A 245 6.55 -21.72 -14.43
C CYS A 245 7.14 -23.00 -15.03
N VAL A 246 8.40 -23.31 -14.70
CA VAL A 246 9.03 -24.57 -15.15
C VAL A 246 9.34 -25.49 -13.96
N PRO A 247 8.59 -26.59 -13.81
CA PRO A 247 8.94 -27.49 -12.73
C PRO A 247 10.17 -28.38 -13.00
N CYS A 248 10.66 -28.98 -11.94
CA CYS A 248 11.68 -29.97 -12.07
C CYS A 248 10.98 -31.11 -12.81
N ASP A 249 11.78 -31.98 -13.43
CA ASP A 249 11.28 -33.10 -14.23
C ASP A 249 10.32 -33.93 -13.41
N GLY A 250 9.11 -34.12 -13.93
CA GLY A 250 8.04 -34.84 -13.25
C GLY A 250 7.36 -34.08 -12.14
N GLY A 251 7.55 -32.76 -12.09
CA GLY A 251 7.07 -32.00 -10.92
C GLY A 251 7.66 -32.50 -9.62
N ALA A 252 8.91 -32.95 -9.72
CA ALA A 252 9.61 -33.54 -8.58
C ALA A 252 9.95 -32.49 -7.50
N SER A 253 9.97 -32.96 -6.27
CA SER A 253 10.48 -32.18 -5.14
C SER A 253 11.90 -31.71 -5.29
N ILE A 254 12.21 -30.57 -4.67
CA ILE A 254 13.61 -30.14 -4.54
C ILE A 254 14.33 -31.23 -3.75
N ASN A 255 15.61 -31.41 -4.00
CA ASN A 255 16.37 -32.41 -3.24
C ASN A 255 17.37 -31.79 -2.26
N ILE A 256 17.01 -31.81 -0.98
CA ILE A 256 17.85 -31.18 0.05
C ILE A 256 18.51 -32.26 0.93
N ASP A 257 19.83 -32.33 0.83
CA ASP A 257 20.58 -33.30 1.62
C ASP A 257 20.25 -33.13 3.11
N ARG A 258 20.15 -34.27 3.81
CA ARG A 258 19.72 -34.27 5.18
C ARG A 258 20.61 -33.39 6.11
N PHE A 259 21.86 -33.14 5.72
CA PHE A 259 22.75 -32.30 6.54
C PHE A 259 22.94 -30.89 5.99
N ALA A 260 22.11 -30.49 5.05
CA ALA A 260 22.43 -29.31 4.27
C ALA A 260 22.38 -28.07 5.20
N PHE A 261 21.66 -28.20 6.31
CA PHE A 261 21.41 -27.09 7.23
C PHE A 261 22.11 -27.27 8.60
N GLN A 262 23.05 -28.20 8.65
CA GLN A 262 23.62 -28.58 9.93
C GLN A 262 24.28 -27.43 10.70
N ASN A 263 25.02 -26.60 9.99
CA ASN A 263 25.77 -25.50 10.60
C ASN A 263 24.99 -24.20 10.76
N LEU A 264 23.74 -24.19 10.29
CA LEU A 264 22.95 -22.95 10.26
C LEU A 264 22.21 -22.75 11.57
N THR A 265 22.99 -22.67 12.66
CA THR A 265 22.41 -22.70 13.98
C THR A 265 21.65 -21.43 14.32
N GLN A 266 21.98 -20.32 13.65
CA GLN A 266 21.35 -19.04 13.96
C GLN A 266 20.11 -18.74 13.08
N LEU A 267 19.69 -19.69 12.27
CA LEU A 267 18.67 -19.41 11.26
C LEU A 267 17.35 -19.01 11.92
N ARG A 268 16.79 -17.92 11.40
CA ARG A 268 15.62 -17.28 11.91
C ARG A 268 14.46 -17.32 10.87
N TYR A 269 14.80 -17.28 9.59
CA TYR A 269 13.88 -17.26 8.49
C TYR A 269 14.29 -18.31 7.48
N LEU A 270 13.35 -19.19 7.16
CA LEU A 270 13.56 -20.19 6.13
C LEU A 270 12.34 -20.18 5.22
N ASN A 271 12.56 -19.85 3.96
CA ASN A 271 11.54 -19.86 2.95
C ASN A 271 11.71 -21.04 2.00
N LEU A 272 10.86 -22.05 2.14
CA LEU A 272 10.83 -23.18 1.20
C LEU A 272 9.52 -23.22 0.36
N SER A 273 8.91 -22.06 0.18
CA SER A 273 7.71 -21.99 -0.63
C SER A 273 7.97 -22.52 -2.03
N SER A 274 6.99 -23.25 -2.56
CA SER A 274 7.04 -23.70 -3.96
C SER A 274 8.38 -24.42 -4.28
N THR A 275 8.69 -25.41 -3.47
CA THR A 275 9.78 -26.35 -3.76
C THR A 275 9.27 -27.83 -3.94
N SER A 276 8.01 -27.94 -4.21
CA SER A 276 7.33 -29.20 -4.46
C SER A 276 7.53 -30.27 -3.38
N LEU A 277 7.65 -29.83 -2.13
CA LEU A 277 7.92 -30.78 -1.06
C LEU A 277 6.70 -31.60 -0.81
N ARG A 278 6.89 -32.93 -0.75
CA ARG A 278 5.89 -33.85 -0.20
C ARG A 278 6.24 -34.24 1.24
N LYS A 279 7.53 -34.26 1.53
CA LYS A 279 8.05 -34.71 2.84
C LYS A 279 8.96 -33.65 3.45
N ILE A 280 8.82 -33.42 4.76
CA ILE A 280 9.70 -32.51 5.48
C ILE A 280 10.60 -33.33 6.38
N ASN A 281 11.90 -33.30 6.09
CA ASN A 281 12.88 -33.97 6.94
C ASN A 281 13.05 -33.24 8.27
N ALA A 282 12.43 -33.76 9.32
CA ALA A 282 12.53 -33.18 10.62
C ALA A 282 13.97 -32.90 11.05
N ALA A 283 14.92 -33.69 10.55
CA ALA A 283 16.33 -33.51 10.93
C ALA A 283 16.87 -32.16 10.46
N TRP A 284 16.28 -31.63 9.39
CA TRP A 284 16.65 -30.31 8.87
C TRP A 284 16.66 -29.27 9.98
N PHE A 285 15.83 -29.48 11.00
CA PHE A 285 15.69 -28.51 12.07
C PHE A 285 16.37 -28.91 13.35
N LYS A 286 17.13 -29.99 13.29
CA LYS A 286 17.81 -30.52 14.46
C LYS A 286 18.57 -29.40 15.14
N ASN A 287 19.34 -28.63 14.35
CA ASN A 287 20.35 -27.71 14.93
C ASN A 287 19.95 -26.27 14.82
N MET A 288 18.64 -26.05 14.68
CA MET A 288 18.13 -24.78 14.23
C MET A 288 17.03 -24.33 15.16
N PRO A 289 17.32 -24.25 16.46
CA PRO A 289 16.32 -24.05 17.51
C PRO A 289 15.84 -22.59 17.71
N HIS A 290 16.38 -21.67 16.92
CA HIS A 290 15.97 -20.30 16.94
C HIS A 290 15.14 -19.88 15.72
N LEU A 291 14.71 -20.86 14.93
CA LEU A 291 13.87 -20.58 13.78
C LEU A 291 12.56 -19.97 14.22
N LYS A 292 12.23 -18.84 13.60
CA LYS A 292 11.13 -18.00 13.98
C LYS A 292 10.01 -17.93 12.90
N VAL A 293 10.42 -17.97 11.63
CA VAL A 293 9.48 -17.85 10.51
C VAL A 293 9.80 -18.94 9.53
N LEU A 294 8.78 -19.77 9.25
CA LEU A 294 8.93 -20.87 8.36
C LEU A 294 7.82 -20.82 7.30
N ASP A 295 8.22 -20.65 6.05
CA ASP A 295 7.30 -20.47 4.93
C ASP A 295 7.31 -21.71 4.04
N LEU A 296 6.16 -22.39 3.98
CA LEU A 296 6.04 -23.65 3.28
C LEU A 296 4.82 -23.66 2.34
N GLU A 297 4.53 -22.49 1.79
CA GLU A 297 3.36 -22.30 0.94
C GLU A 297 3.61 -23.03 -0.35
N PHE A 298 2.57 -23.43 -1.09
CA PHE A 298 2.73 -23.93 -2.43
C PHE A 298 3.63 -25.20 -2.48
N ASN A 299 3.41 -26.10 -1.55
CA ASN A 299 4.04 -27.40 -1.65
C ASN A 299 2.92 -28.46 -1.71
N TYR A 300 3.24 -29.71 -1.36
CA TYR A 300 2.27 -30.76 -1.39
C TYR A 300 2.17 -31.43 -0.05
N LEU A 301 1.89 -30.64 0.97
CA LEU A 301 2.13 -31.06 2.36
C LEU A 301 0.89 -31.48 3.14
N VAL A 302 -0.23 -31.76 2.49
CA VAL A 302 -1.40 -32.20 3.26
C VAL A 302 -1.08 -33.37 4.19
N GLY A 303 -0.35 -34.38 3.69
CA GLY A 303 0.16 -35.49 4.51
C GLY A 303 0.95 -35.03 5.71
N GLU A 304 1.94 -34.15 5.48
CA GLU A 304 2.78 -33.69 6.58
C GLU A 304 2.04 -32.83 7.59
N ILE A 305 1.05 -32.07 7.14
CA ILE A 305 0.23 -31.33 8.09
C ILE A 305 -0.51 -32.27 9.04
N ALA A 306 -0.92 -33.41 8.53
CA ALA A 306 -1.67 -34.38 9.35
C ALA A 306 -0.76 -35.19 10.34
N SER A 307 0.43 -35.54 9.88
CA SER A 307 1.27 -36.48 10.62
C SER A 307 2.38 -35.72 11.34
N GLY A 308 3.26 -35.11 10.56
CA GLY A 308 4.03 -33.96 11.00
C GLY A 308 5.12 -34.09 12.06
N ALA A 309 6.16 -34.90 11.79
CA ALA A 309 7.29 -35.03 12.75
C ALA A 309 7.98 -33.67 12.92
N PHE A 310 8.27 -33.04 11.79
CA PHE A 310 8.98 -31.75 11.78
C PHE A 310 8.39 -30.75 12.76
N LEU A 311 7.09 -30.87 13.06
CA LEU A 311 6.41 -29.94 13.96
C LEU A 311 6.90 -30.00 15.41
N THR A 312 7.59 -31.10 15.78
CA THR A 312 8.13 -31.24 17.14
C THR A 312 9.48 -30.53 17.30
N MET A 313 10.05 -30.05 16.21
CA MET A 313 11.38 -29.51 16.21
C MET A 313 11.43 -27.96 16.20
N LEU A 314 10.33 -27.30 16.55
CA LEU A 314 10.14 -25.86 16.21
C LEU A 314 9.69 -25.08 17.42
N PRO A 315 10.46 -25.13 18.51
CA PRO A 315 10.06 -24.59 19.79
C PRO A 315 9.97 -23.08 19.82
N ARG A 316 10.70 -22.36 18.96
CA ARG A 316 10.70 -20.91 19.02
C ARG A 316 9.95 -20.28 17.83
N LEU A 317 9.31 -21.12 17.02
CA LEU A 317 8.65 -20.69 15.82
C LEU A 317 7.45 -19.80 16.12
N GLU A 318 7.43 -18.63 15.50
CA GLU A 318 6.38 -17.67 15.72
C GLU A 318 5.35 -17.55 14.58
N ILE A 319 5.80 -17.74 13.35
CA ILE A 319 4.94 -17.65 12.16
C ILE A 319 5.17 -18.90 11.32
N LEU A 320 4.10 -19.61 11.05
CA LEU A 320 4.14 -20.77 10.18
C LEU A 320 3.16 -20.53 9.04
N ASP A 321 3.64 -20.62 7.81
CA ASP A 321 2.81 -20.47 6.59
C ASP A 321 2.76 -21.73 5.77
N LEU A 322 1.60 -22.37 5.83
CA LEU A 322 1.33 -23.59 5.11
C LEU A 322 0.25 -23.39 4.02
N SER A 323 0.13 -22.17 3.51
CA SER A 323 -0.98 -21.86 2.59
C SER A 323 -0.77 -22.55 1.22
N PHE A 324 -1.88 -22.79 0.53
CA PHE A 324 -1.83 -23.32 -0.84
C PHE A 324 -1.06 -24.64 -0.98
N ASN A 325 -1.43 -25.59 -0.13
CA ASN A 325 -0.91 -26.94 -0.22
C ASN A 325 -2.00 -27.90 -0.69
N TYR A 326 -3.10 -27.36 -1.16
CA TYR A 326 -4.22 -28.18 -1.57
C TYR A 326 -3.82 -29.24 -2.62
N ILE A 327 -4.55 -30.35 -2.59
CA ILE A 327 -4.49 -31.34 -3.66
C ILE A 327 -5.53 -30.97 -4.71
N LYS A 328 -5.10 -30.72 -5.93
CA LYS A 328 -5.99 -30.25 -6.95
C LYS A 328 -7.17 -31.22 -7.12
N GLY A 329 -8.37 -30.65 -7.22
CA GLY A 329 -9.61 -31.41 -7.37
C GLY A 329 -10.09 -32.09 -6.11
N SER A 330 -9.39 -31.93 -5.00
CA SER A 330 -9.83 -32.59 -3.75
C SER A 330 -10.65 -31.58 -2.95
N TYR A 331 -11.64 -32.05 -2.21
CA TYR A 331 -12.45 -31.18 -1.41
C TYR A 331 -12.87 -31.97 -0.18
N PRO A 332 -11.91 -32.27 0.70
CA PRO A 332 -12.20 -33.09 1.86
C PRO A 332 -13.18 -32.43 2.78
N GLN A 333 -13.90 -33.25 3.54
CA GLN A 333 -14.83 -32.73 4.52
C GLN A 333 -14.15 -31.91 5.61
N HIS A 334 -13.01 -32.40 6.12
CA HIS A 334 -12.32 -31.81 7.27
C HIS A 334 -10.85 -31.59 7.01
N ILE A 335 -10.27 -30.68 7.79
CA ILE A 335 -8.86 -30.40 7.75
C ILE A 335 -8.22 -31.31 8.77
N ASN A 336 -7.10 -31.89 8.41
CA ASN A 336 -6.43 -32.83 9.30
C ASN A 336 -5.08 -32.31 9.83
N ILE A 337 -5.11 -31.93 11.10
CA ILE A 337 -4.03 -31.21 11.81
C ILE A 337 -3.36 -32.19 12.77
N SER A 338 -2.05 -32.42 12.63
CA SER A 338 -1.33 -33.28 13.58
C SER A 338 -1.40 -32.78 15.02
N ARG A 339 -1.54 -33.71 15.97
CA ARG A 339 -1.36 -33.41 17.37
C ARG A 339 -0.08 -32.62 17.64
N ASN A 340 0.93 -32.87 16.85
CA ASN A 340 2.22 -32.23 17.02
C ASN A 340 2.22 -30.69 16.85
N PHE A 341 1.14 -30.12 16.31
CA PHE A 341 0.98 -28.63 16.31
C PHE A 341 0.98 -28.13 17.73
N SER A 342 0.61 -29.02 18.66
CA SER A 342 0.59 -28.61 20.05
C SER A 342 2.02 -28.40 20.59
N LYS A 343 3.04 -28.77 19.82
CA LYS A 343 4.45 -28.53 20.23
C LYS A 343 4.93 -27.12 19.84
N LEU A 344 4.13 -26.38 19.10
CA LEU A 344 4.55 -25.05 18.58
C LEU A 344 4.33 -23.97 19.59
N LEU A 345 5.08 -24.01 20.70
CA LEU A 345 4.70 -23.24 21.89
C LEU A 345 4.86 -21.75 21.73
N SER A 346 5.76 -21.31 20.86
CA SER A 346 5.94 -19.89 20.59
C SER A 346 5.04 -19.35 19.47
N LEU A 347 4.18 -20.19 18.89
CA LEU A 347 3.46 -19.77 17.69
C LEU A 347 2.57 -18.57 17.94
N ARG A 348 2.73 -17.55 17.09
CA ARG A 348 1.89 -16.38 17.10
C ARG A 348 0.88 -16.32 15.93
N ALA A 349 1.27 -16.80 14.76
CA ALA A 349 0.42 -16.71 13.60
C ALA A 349 0.55 -17.94 12.77
N LEU A 350 -0.62 -18.47 12.40
CA LEU A 350 -0.71 -19.64 11.56
C LEU A 350 -1.51 -19.32 10.32
N HIS A 351 -0.90 -19.58 9.18
CA HIS A 351 -1.53 -19.29 7.88
C HIS A 351 -1.80 -20.59 7.18
N LEU A 352 -3.08 -20.87 7.01
CA LEU A 352 -3.56 -22.12 6.41
C LEU A 352 -4.58 -21.79 5.32
N ARG A 353 -4.20 -20.86 4.46
CA ARG A 353 -5.05 -20.52 3.34
C ARG A 353 -4.95 -21.71 2.40
N GLY A 354 -5.94 -21.93 1.58
CA GLY A 354 -5.70 -22.76 0.39
C GLY A 354 -5.41 -24.22 0.64
N TYR A 355 -5.79 -24.73 1.80
CA TYR A 355 -5.86 -26.17 2.09
C TYR A 355 -7.03 -26.79 1.39
N VAL A 356 -8.21 -26.15 1.54
CA VAL A 356 -9.45 -26.44 0.81
C VAL A 356 -10.22 -27.61 1.43
N PHE A 357 -11.26 -27.28 2.18
CA PHE A 357 -12.00 -28.29 2.94
C PHE A 357 -13.34 -27.71 3.27
N GLN A 358 -14.28 -28.57 3.67
CA GLN A 358 -15.68 -28.17 3.73
C GLN A 358 -16.18 -27.68 5.08
N GLU A 359 -15.65 -28.20 6.15
CA GLU A 359 -16.23 -27.97 7.43
C GLU A 359 -15.15 -27.93 8.49
N LEU A 360 -15.23 -26.97 9.39
CA LEU A 360 -14.28 -26.84 10.49
C LEU A 360 -15.02 -27.16 11.77
N ARG A 361 -14.65 -28.27 12.41
CA ARG A 361 -15.34 -28.68 13.64
C ARG A 361 -14.44 -28.40 14.82
N GLU A 362 -15.01 -28.39 16.03
CA GLU A 362 -14.25 -28.02 17.21
C GLU A 362 -13.06 -28.96 17.41
N ASP A 363 -13.30 -30.23 17.18
CA ASP A 363 -12.26 -31.24 17.44
C ASP A 363 -11.03 -31.00 16.61
N ASP A 364 -11.25 -30.57 15.38
CA ASP A 364 -10.23 -30.58 14.36
C ASP A 364 -9.10 -29.66 14.70
N PHE A 365 -9.37 -28.65 15.51
CA PHE A 365 -8.36 -27.70 15.94
C PHE A 365 -7.93 -27.83 17.42
N GLN A 366 -8.17 -28.99 18.07
CA GLN A 366 -7.74 -29.18 19.48
C GLN A 366 -6.24 -28.97 19.65
N PRO A 367 -5.46 -29.46 18.71
CA PRO A 367 -4.02 -29.31 18.94
C PRO A 367 -3.50 -27.87 18.96
N LEU A 368 -4.37 -26.90 18.60
CA LEU A 368 -4.01 -25.46 18.68
C LEU A 368 -4.43 -24.79 19.94
N MET A 369 -5.26 -25.46 20.75
CA MET A 369 -6.02 -24.70 21.73
C MET A 369 -5.29 -24.39 23.03
N GLN A 370 -4.11 -24.95 23.18
CA GLN A 370 -3.30 -24.62 24.36
C GLN A 370 -2.09 -23.76 24.00
N LEU A 371 -1.93 -23.37 22.74
CA LEU A 371 -0.79 -22.56 22.36
C LEU A 371 -0.92 -21.16 22.91
N PRO A 372 -0.11 -20.84 23.93
CA PRO A 372 -0.37 -19.65 24.73
C PRO A 372 -0.34 -18.32 23.96
N ASN A 373 0.41 -18.23 22.87
CA ASN A 373 0.66 -16.92 22.27
C ASN A 373 0.02 -16.82 20.88
N LEU A 374 -0.78 -17.84 20.51
CA LEU A 374 -1.37 -17.84 19.17
C LEU A 374 -2.45 -16.77 19.05
N SER A 375 -2.16 -15.70 18.33
CA SER A 375 -3.07 -14.59 18.27
C SER A 375 -3.78 -14.48 16.91
N THR A 376 -3.24 -15.09 15.88
CA THR A 376 -3.81 -14.98 14.54
C THR A 376 -4.01 -16.34 13.93
N ILE A 377 -5.25 -16.63 13.55
CA ILE A 377 -5.53 -17.80 12.73
C ILE A 377 -6.11 -17.36 11.39
N ASN A 378 -5.51 -17.83 10.31
CA ASN A 378 -5.88 -17.39 8.97
C ASN A 378 -6.34 -18.61 8.17
N LEU A 379 -7.64 -18.64 7.86
CA LEU A 379 -8.21 -19.73 7.07
C LEU A 379 -8.93 -19.17 5.86
N GLY A 380 -8.33 -18.13 5.30
CA GLY A 380 -8.85 -17.59 4.07
C GLY A 380 -8.79 -18.55 2.91
N ILE A 381 -9.71 -18.39 1.99
CA ILE A 381 -9.62 -19.07 0.71
C ILE A 381 -9.53 -20.62 0.86
N ASN A 382 -10.47 -21.17 1.61
CA ASN A 382 -10.55 -22.65 1.76
C ASN A 382 -11.89 -23.24 1.27
N PHE A 383 -12.79 -22.35 0.80
CA PHE A 383 -14.11 -22.74 0.35
C PHE A 383 -14.87 -23.46 1.47
N ILE A 384 -14.67 -23.04 2.71
CA ILE A 384 -15.32 -23.66 3.84
C ILE A 384 -16.80 -23.29 3.90
N LYS A 385 -17.62 -24.30 4.16
CA LYS A 385 -19.06 -24.19 4.15
C LYS A 385 -19.63 -24.02 5.54
N GLN A 386 -19.04 -24.68 6.52
CA GLN A 386 -19.59 -24.67 7.89
C GLN A 386 -18.52 -24.47 8.93
N ILE A 387 -18.79 -23.63 9.92
CA ILE A 387 -17.89 -23.56 11.05
C ILE A 387 -18.61 -23.67 12.35
N ASP A 388 -18.00 -24.43 13.23
CA ASP A 388 -18.40 -24.53 14.62
C ASP A 388 -17.79 -23.36 15.32
N PHE A 389 -18.49 -22.24 15.32
CA PHE A 389 -17.86 -20.99 15.76
C PHE A 389 -17.39 -21.01 17.18
N LYS A 390 -17.88 -21.95 17.98
CA LYS A 390 -17.67 -21.92 19.41
C LYS A 390 -16.26 -22.37 19.73
N LEU A 391 -15.65 -23.10 18.82
CA LEU A 391 -14.28 -23.55 19.01
C LEU A 391 -13.29 -22.40 19.24
N PHE A 392 -13.55 -21.20 18.71
CA PHE A 392 -12.55 -20.13 18.81
C PHE A 392 -12.37 -19.62 20.23
N GLN A 393 -13.47 -19.60 20.98
CA GLN A 393 -13.48 -19.21 22.38
C GLN A 393 -12.51 -20.03 23.22
N ASN A 394 -12.32 -21.28 22.81
CA ASN A 394 -11.53 -22.23 23.54
C ASN A 394 -10.05 -22.14 23.26
N PHE A 395 -9.65 -21.21 22.40
CA PHE A 395 -8.24 -20.83 22.28
C PHE A 395 -7.85 -19.95 23.44
N SER A 396 -6.56 -19.85 23.73
CA SER A 396 -6.13 -19.04 24.86
C SER A 396 -6.28 -17.54 24.65
N ASN A 397 -5.87 -16.99 23.49
CA ASN A 397 -6.01 -15.55 23.24
C ASN A 397 -5.87 -15.12 21.78
N LEU A 398 -6.78 -15.63 20.98
CA LEU A 398 -6.96 -15.21 19.62
C LEU A 398 -7.32 -13.73 19.60
N GLU A 399 -6.57 -12.97 18.81
CA GLU A 399 -6.87 -11.59 18.52
C GLU A 399 -7.46 -11.39 17.11
N ILE A 400 -7.05 -12.22 16.17
CA ILE A 400 -7.46 -12.06 14.79
C ILE A 400 -7.94 -13.41 14.26
N ILE A 401 -9.23 -13.46 13.93
CA ILE A 401 -9.82 -14.67 13.43
C ILE A 401 -10.21 -14.39 11.99
N TYR A 402 -9.45 -14.97 11.09
CA TYR A 402 -9.53 -14.57 9.72
C TYR A 402 -10.13 -15.64 8.89
N LEU A 403 -11.38 -15.42 8.48
CA LEU A 403 -12.18 -16.40 7.74
C LEU A 403 -12.66 -15.87 6.38
N SER A 404 -12.04 -14.80 5.90
CA SER A 404 -12.47 -14.18 4.68
C SER A 404 -12.40 -15.15 3.50
N GLU A 405 -13.32 -15.03 2.56
CA GLU A 405 -13.23 -15.74 1.28
C GLU A 405 -13.36 -17.24 1.52
N ASN A 406 -14.54 -17.62 1.98
CA ASN A 406 -14.91 -19.01 2.03
C ASN A 406 -16.35 -19.18 1.47
N ARG A 407 -17.08 -20.18 1.93
CA ARG A 407 -18.41 -20.45 1.41
C ARG A 407 -19.36 -20.47 2.60
N ILE A 408 -19.07 -19.69 3.64
CA ILE A 408 -19.89 -19.82 4.83
C ILE A 408 -21.25 -19.12 4.67
N SER A 409 -22.31 -19.82 5.05
CA SER A 409 -23.67 -19.33 4.78
C SER A 409 -24.40 -19.29 6.12
N PRO A 410 -25.63 -18.76 6.16
CA PRO A 410 -26.27 -18.53 7.46
C PRO A 410 -26.42 -19.80 8.30
N LEU A 411 -26.16 -19.68 9.60
CA LEU A 411 -26.07 -20.84 10.51
C LEU A 411 -27.21 -21.84 10.29
N GLU A 438 5.57 -6.71 -13.60
CA GLU A 438 4.39 -7.18 -12.88
C GLU A 438 4.57 -7.43 -11.38
N PHE A 439 5.70 -8.04 -10.99
CA PHE A 439 5.94 -8.34 -9.57
C PHE A 439 6.96 -7.37 -9.01
N ASP A 440 6.62 -6.80 -7.85
CA ASP A 440 7.53 -5.87 -7.21
C ASP A 440 8.78 -6.65 -6.72
N PRO A 441 9.93 -6.35 -7.26
CA PRO A 441 11.12 -7.12 -6.79
C PRO A 441 11.47 -6.90 -5.30
N HIS A 442 10.83 -5.95 -4.62
CA HIS A 442 11.16 -5.71 -3.21
C HIS A 442 10.04 -6.21 -2.30
N SER A 443 9.13 -7.02 -2.86
CA SER A 443 8.03 -7.60 -2.04
C SER A 443 8.08 -9.09 -2.01
N ASN A 444 7.31 -9.68 -1.10
CA ASN A 444 7.20 -11.11 -1.04
C ASN A 444 6.56 -11.53 -2.33
N PHE A 445 7.02 -12.59 -2.94
CA PHE A 445 6.46 -13.06 -4.20
C PHE A 445 5.29 -14.04 -3.99
N TYR A 446 5.28 -14.73 -2.86
CA TYR A 446 4.26 -15.77 -2.65
C TYR A 446 3.00 -15.34 -1.85
N HIS A 447 3.04 -14.19 -1.19
CA HIS A 447 1.84 -13.69 -0.50
C HIS A 447 1.90 -12.20 -0.28
N PHE A 448 0.72 -11.60 -0.12
CA PHE A 448 0.63 -10.20 0.27
C PHE A 448 1.12 -9.99 1.69
N THR A 449 1.68 -8.83 1.92
CA THR A 449 2.22 -8.53 3.23
C THR A 449 1.41 -7.43 3.92
N ARG A 450 0.29 -7.04 3.35
CA ARG A 450 -0.57 -6.10 4.06
C ARG A 450 -1.27 -6.77 5.24
N PRO A 451 -1.54 -6.00 6.31
CA PRO A 451 -2.25 -6.57 7.45
C PRO A 451 -3.49 -7.32 7.01
N LEU A 452 -3.83 -8.40 7.72
CA LEU A 452 -5.05 -9.12 7.40
C LEU A 452 -6.29 -8.27 7.68
N ILE A 453 -6.27 -7.52 8.77
CA ILE A 453 -7.35 -6.62 9.16
C ILE A 453 -6.87 -5.19 9.08
N LYS A 454 -7.72 -4.24 8.65
CA LYS A 454 -7.31 -2.85 8.68
C LYS A 454 -6.91 -2.49 10.12
N PRO A 455 -5.77 -1.77 10.31
CA PRO A 455 -5.26 -1.41 11.65
C PRO A 455 -6.26 -0.53 12.41
N GLN A 456 -7.00 0.32 11.66
CA GLN A 456 -8.07 1.13 12.26
C GLN A 456 -9.15 0.29 12.93
N CYS A 457 -9.40 -0.92 12.43
CA CYS A 457 -10.43 -1.78 13.01
C CYS A 457 -9.83 -2.68 14.11
N ALA A 458 -8.70 -3.34 13.80
CA ALA A 458 -8.06 -4.23 14.77
C ALA A 458 -7.61 -3.50 16.04
N ALA A 459 -7.28 -2.21 15.93
CA ALA A 459 -6.90 -1.40 17.10
C ALA A 459 -7.93 -1.48 18.21
N TYR A 460 -9.19 -1.69 17.88
CA TYR A 460 -10.20 -1.64 18.90
C TYR A 460 -10.19 -2.91 19.76
N GLY A 461 -9.59 -4.01 19.26
CA GLY A 461 -9.67 -5.27 20.01
C GLY A 461 -9.79 -6.52 19.13
N LYS A 462 -10.41 -7.57 19.66
CA LYS A 462 -10.45 -8.82 18.99
C LYS A 462 -11.25 -8.65 17.70
N ALA A 463 -10.78 -9.32 16.65
CA ALA A 463 -11.30 -9.11 15.30
C ALA A 463 -11.76 -10.39 14.66
N LEU A 464 -12.93 -10.32 14.00
CA LEU A 464 -13.49 -11.45 13.31
C LEU A 464 -13.78 -11.03 11.88
N ASP A 465 -13.12 -11.67 10.93
CA ASP A 465 -13.31 -11.29 9.53
C ASP A 465 -14.06 -12.38 8.76
N LEU A 466 -15.32 -12.10 8.48
CA LEU A 466 -16.19 -13.00 7.77
C LEU A 466 -16.53 -12.47 6.37
N SER A 467 -15.72 -11.56 5.83
CA SER A 467 -15.99 -11.01 4.54
C SER A 467 -15.94 -12.10 3.44
N LEU A 468 -16.59 -11.78 2.32
CA LEU A 468 -16.52 -12.51 1.08
C LEU A 468 -16.97 -13.95 1.35
N ASN A 469 -18.11 -14.06 2.03
CA ASN A 469 -18.81 -15.31 2.22
C ASN A 469 -20.25 -15.11 1.75
N SER A 470 -21.13 -16.04 2.13
CA SER A 470 -22.53 -15.97 1.70
C SER A 470 -23.49 -15.90 2.89
N ILE A 471 -23.16 -15.08 3.89
CA ILE A 471 -24.02 -14.94 5.05
C ILE A 471 -25.08 -13.89 4.69
N PHE A 472 -26.08 -14.32 3.93
CA PHE A 472 -26.99 -13.40 3.26
C PHE A 472 -28.16 -12.93 4.14
N PHE A 473 -28.26 -13.54 5.31
CA PHE A 473 -28.96 -12.96 6.43
C PHE A 473 -28.33 -13.48 7.70
N ILE A 474 -28.56 -12.75 8.80
CA ILE A 474 -28.00 -13.10 10.10
C ILE A 474 -29.12 -13.62 10.97
N GLY A 475 -29.15 -14.93 11.16
CA GLY A 475 -30.20 -15.50 12.01
C GLY A 475 -29.94 -15.17 13.47
N PRO A 476 -30.89 -15.53 14.34
CA PRO A 476 -30.82 -15.11 15.74
C PRO A 476 -29.66 -15.70 16.56
N ASN A 477 -29.01 -16.76 16.09
CA ASN A 477 -27.93 -17.42 16.82
C ASN A 477 -26.58 -17.36 16.14
N GLN A 478 -26.51 -16.56 15.07
CA GLN A 478 -25.36 -16.57 14.20
C GLN A 478 -24.05 -16.27 14.96
N PHE A 479 -24.09 -15.39 15.94
CA PHE A 479 -22.87 -14.99 16.63
C PHE A 479 -22.79 -15.45 18.07
N GLU A 480 -23.48 -16.53 18.41
CA GLU A 480 -23.45 -17.04 19.79
C GLU A 480 -22.14 -17.73 20.01
N ASN A 481 -21.70 -17.76 21.27
CA ASN A 481 -20.45 -18.41 21.69
C ASN A 481 -19.17 -17.88 21.07
N LEU A 482 -19.15 -16.59 20.77
CA LEU A 482 -17.93 -16.00 20.27
C LEU A 482 -17.22 -15.27 21.39
N PRO A 483 -15.93 -14.96 21.17
CA PRO A 483 -15.27 -14.04 22.06
C PRO A 483 -15.90 -12.68 21.98
N ASP A 484 -15.41 -11.75 22.80
CA ASP A 484 -15.87 -10.39 22.85
C ASP A 484 -15.32 -9.61 21.64
N ILE A 485 -15.96 -9.78 20.49
CA ILE A 485 -15.53 -9.13 19.26
C ILE A 485 -15.67 -7.60 19.29
N ALA A 486 -14.59 -6.89 19.02
CA ALA A 486 -14.61 -5.43 18.84
C ALA A 486 -14.64 -4.89 17.37
N CYS A 487 -14.17 -5.70 16.44
CA CYS A 487 -13.95 -5.37 15.06
C CYS A 487 -14.54 -6.53 14.26
N LEU A 488 -15.53 -6.24 13.43
CA LEU A 488 -16.23 -7.28 12.71
C LEU A 488 -16.34 -6.87 11.24
N ASN A 489 -15.96 -7.79 10.35
CA ASN A 489 -15.99 -7.54 8.90
C ASN A 489 -16.99 -8.51 8.30
N LEU A 490 -18.15 -7.97 7.90
CA LEU A 490 -19.13 -8.74 7.12
C LEU A 490 -19.29 -8.23 5.70
N SER A 491 -18.27 -7.52 5.19
CA SER A 491 -18.27 -6.99 3.83
C SER A 491 -18.56 -8.12 2.81
N ALA A 492 -19.33 -7.82 1.77
CA ALA A 492 -19.47 -8.69 0.64
C ALA A 492 -20.00 -10.08 1.00
N ASN A 493 -21.05 -10.08 1.80
CA ASN A 493 -21.84 -11.29 2.04
C ASN A 493 -23.20 -11.31 1.34
N SER A 494 -23.41 -10.35 0.43
CA SER A 494 -24.71 -10.14 -0.21
C SER A 494 -25.83 -10.22 0.76
N ASN A 495 -25.64 -9.54 1.90
CA ASN A 495 -26.60 -9.59 2.96
C ASN A 495 -27.75 -8.63 2.69
N ALA A 496 -28.97 -9.20 2.71
CA ALA A 496 -30.20 -8.50 2.36
C ALA A 496 -31.13 -8.22 3.57
N GLN A 497 -30.58 -8.30 4.77
CA GLN A 497 -31.36 -8.30 6.01
C GLN A 497 -31.96 -6.97 6.29
N VAL A 498 -33.12 -7.01 6.94
CA VAL A 498 -33.67 -5.89 7.71
C VAL A 498 -33.07 -5.92 9.12
N LEU A 499 -31.96 -5.23 9.30
CA LEU A 499 -31.38 -5.14 10.63
C LEU A 499 -32.34 -4.39 11.54
N SER A 500 -32.56 -4.94 12.75
CA SER A 500 -33.69 -4.50 13.55
C SER A 500 -33.36 -4.30 14.99
N GLY A 501 -32.07 -4.40 15.33
CA GLY A 501 -31.63 -4.04 16.65
C GLY A 501 -31.43 -5.25 17.55
N THR A 502 -31.49 -6.44 16.99
CA THR A 502 -31.26 -7.66 17.79
C THR A 502 -30.08 -8.48 17.29
N GLU A 503 -29.68 -8.24 16.05
CA GLU A 503 -28.88 -9.22 15.32
C GLU A 503 -27.49 -9.36 15.91
N PHE A 504 -26.95 -8.28 16.45
CA PHE A 504 -25.60 -8.31 17.00
C PHE A 504 -25.60 -8.36 18.53
N SER A 505 -26.71 -8.79 19.12
CA SER A 505 -26.87 -8.76 20.59
C SER A 505 -25.88 -9.67 21.37
N ALA A 506 -25.35 -10.69 20.73
CA ALA A 506 -24.41 -11.61 21.41
C ALA A 506 -22.96 -11.09 21.33
N ILE A 507 -22.70 -10.14 20.43
CA ILE A 507 -21.43 -9.44 20.41
C ILE A 507 -21.65 -7.94 20.46
N PRO A 508 -22.13 -7.47 21.63
CA PRO A 508 -22.67 -6.15 21.76
C PRO A 508 -21.60 -5.10 21.83
N HIS A 509 -20.33 -5.48 21.89
CA HIS A 509 -19.26 -4.50 22.05
C HIS A 509 -18.51 -4.14 20.75
N VAL A 510 -19.09 -4.47 19.61
CA VAL A 510 -18.43 -4.10 18.37
C VAL A 510 -18.29 -2.61 18.33
N LYS A 511 -17.11 -2.18 17.94
CA LYS A 511 -16.83 -0.77 17.80
C LYS A 511 -16.62 -0.32 16.37
N TYR A 512 -16.11 -1.22 15.56
CA TYR A 512 -15.89 -0.99 14.13
C TYR A 512 -16.58 -2.14 13.40
N LEU A 513 -17.58 -1.78 12.58
CA LEU A 513 -18.35 -2.76 11.83
C LEU A 513 -18.32 -2.44 10.31
N ASP A 514 -17.78 -3.36 9.53
CA ASP A 514 -17.61 -3.14 8.12
C ASP A 514 -18.72 -3.95 7.47
N LEU A 515 -19.72 -3.25 6.92
CA LEU A 515 -20.79 -3.91 6.22
C LEU A 515 -20.79 -3.57 4.71
N THR A 516 -19.63 -3.21 4.16
CA THR A 516 -19.60 -2.68 2.78
C THR A 516 -19.94 -3.77 1.78
N ASN A 517 -20.47 -3.40 0.60
CA ASN A 517 -20.74 -4.34 -0.44
C ASN A 517 -21.73 -5.43 0.01
N ASN A 518 -22.84 -5.01 0.56
CA ASN A 518 -23.93 -5.96 0.80
C ASN A 518 -25.17 -5.42 0.09
N ARG A 519 -26.35 -5.85 0.50
CA ARG A 519 -27.59 -5.27 -0.03
C ARG A 519 -28.59 -5.06 1.07
N LEU A 520 -28.20 -4.32 2.09
CA LEU A 520 -29.01 -4.25 3.29
C LEU A 520 -30.31 -3.50 2.99
N ASP A 521 -31.38 -3.99 3.57
CA ASP A 521 -32.70 -3.36 3.43
C ASP A 521 -33.12 -2.56 4.68
N PHE A 522 -33.06 -1.24 4.60
CA PHE A 522 -33.24 -0.38 5.75
C PHE A 522 -34.70 -0.08 6.08
N ASP A 523 -35.40 -1.11 6.55
CA ASP A 523 -36.79 -1.00 6.81
C ASP A 523 -37.07 -0.87 8.28
N ASN A 524 -36.07 -0.79 9.13
CA ASN A 524 -36.38 -0.69 10.56
C ASN A 524 -35.49 0.31 11.23
N ALA A 525 -36.09 1.29 11.89
CA ALA A 525 -35.37 2.42 12.46
C ALA A 525 -34.48 2.11 13.69
N SER A 526 -34.58 0.90 14.19
CA SER A 526 -33.76 0.37 15.29
C SER A 526 -32.52 -0.43 14.86
N ALA A 527 -32.28 -0.54 13.54
CA ALA A 527 -31.06 -1.20 13.01
C ALA A 527 -29.80 -0.86 13.79
N LEU A 528 -29.07 -1.89 14.22
CA LEU A 528 -27.72 -1.77 14.77
C LEU A 528 -27.66 -1.10 16.14
N THR A 529 -28.79 -0.72 16.68
CA THR A 529 -28.78 0.16 17.85
C THR A 529 -28.35 -0.60 19.11
N GLU A 530 -28.33 -1.92 19.03
CA GLU A 530 -27.84 -2.78 20.11
C GLU A 530 -26.29 -2.66 20.28
N LEU A 531 -25.60 -2.07 19.29
CA LEU A 531 -24.20 -1.81 19.38
C LEU A 531 -23.98 -0.44 19.95
N SER A 532 -24.17 -0.31 21.26
CA SER A 532 -24.19 1.04 21.84
C SER A 532 -22.84 1.79 21.85
N ASP A 533 -21.75 1.04 21.71
CA ASP A 533 -20.42 1.61 21.68
C ASP A 533 -19.82 1.76 20.26
N LEU A 534 -20.66 1.62 19.24
CA LEU A 534 -20.25 1.67 17.87
C LEU A 534 -19.58 3.03 17.56
N GLU A 535 -18.38 2.94 17.06
CA GLU A 535 -17.64 4.14 16.65
C GLU A 535 -17.50 4.33 15.14
N VAL A 536 -17.39 3.24 14.40
CA VAL A 536 -17.13 3.32 12.93
C VAL A 536 -18.04 2.34 12.24
N LEU A 537 -18.78 2.84 11.25
CA LEU A 537 -19.77 2.04 10.56
C LEU A 537 -19.61 2.31 9.07
N ASP A 538 -19.27 1.25 8.34
CA ASP A 538 -19.03 1.32 6.90
C ASP A 538 -20.22 0.62 6.24
N LEU A 539 -21.12 1.44 5.69
CA LEU A 539 -22.19 0.94 4.81
C LEU A 539 -21.99 1.20 3.30
N SER A 540 -20.76 1.34 2.85
CA SER A 540 -20.41 1.69 1.44
C SER A 540 -20.98 0.59 0.56
N TYR A 541 -21.31 0.91 -0.69
CA TYR A 541 -21.73 -0.14 -1.69
C TYR A 541 -22.85 -1.04 -1.19
N ASN A 542 -23.89 -0.42 -0.65
CA ASN A 542 -25.16 -1.06 -0.40
C ASN A 542 -26.32 -0.41 -1.19
N SER A 543 -26.04 -0.09 -2.45
CA SER A 543 -26.96 0.65 -3.28
C SER A 543 -28.22 -0.18 -3.59
N HIS A 544 -28.12 -1.49 -3.44
CA HIS A 544 -29.19 -2.38 -3.87
C HIS A 544 -30.61 -1.84 -3.67
N TYR A 545 -30.98 -1.57 -2.42
CA TYR A 545 -32.31 -1.12 -2.13
C TYR A 545 -32.46 0.38 -2.17
N PHE A 546 -31.38 1.13 -2.00
CA PHE A 546 -31.48 2.60 -2.15
C PHE A 546 -31.93 3.04 -3.53
N ARG A 547 -31.57 2.26 -4.52
CA ARG A 547 -31.88 2.60 -5.91
C ARG A 547 -33.35 2.42 -6.24
N ILE A 548 -34.08 1.64 -5.42
CA ILE A 548 -35.47 1.39 -5.66
C ILE A 548 -36.37 2.44 -4.93
N ALA A 549 -37.02 3.34 -5.68
CA ALA A 549 -37.88 4.35 -5.05
C ALA A 549 -38.92 3.75 -4.13
N GLY A 550 -39.59 2.73 -4.61
CA GLY A 550 -40.84 2.31 -4.01
C GLY A 550 -40.71 1.50 -2.72
N VAL A 551 -39.50 1.19 -2.26
CA VAL A 551 -39.36 0.48 -0.97
C VAL A 551 -38.80 1.47 0.04
N THR A 552 -38.88 1.11 1.31
CA THR A 552 -38.50 2.02 2.37
C THR A 552 -36.97 2.12 2.53
N HIS A 553 -36.53 3.31 2.93
CA HIS A 553 -35.17 3.62 3.26
C HIS A 553 -35.12 4.43 4.58
N HIS A 554 -34.95 3.74 5.70
CA HIS A 554 -34.93 4.36 7.04
C HIS A 554 -33.51 4.47 7.61
N LEU A 555 -32.97 5.68 7.63
CA LEU A 555 -31.64 5.92 8.23
C LEU A 555 -31.68 6.63 9.59
N GLU A 556 -32.86 6.71 10.21
CA GLU A 556 -33.10 7.29 11.56
C GLU A 556 -32.11 6.76 12.61
N PHE A 557 -31.76 5.48 12.53
CA PHE A 557 -30.90 4.82 13.49
C PHE A 557 -29.60 5.55 13.78
N ILE A 558 -29.16 6.38 12.84
CA ILE A 558 -27.90 7.08 12.96
C ILE A 558 -27.83 7.88 14.27
N GLN A 559 -28.94 8.52 14.61
CA GLN A 559 -29.03 9.38 15.77
C GLN A 559 -28.98 8.64 17.10
N ASN A 560 -29.23 7.35 17.12
CA ASN A 560 -29.32 6.66 18.37
C ASN A 560 -27.95 6.49 19.07
N PHE A 561 -26.84 6.56 18.34
CA PHE A 561 -25.55 6.19 18.90
C PHE A 561 -24.89 7.33 19.63
N THR A 562 -24.41 7.05 20.85
CA THR A 562 -23.85 8.12 21.66
C THR A 562 -22.42 8.45 21.26
N ASN A 563 -21.74 7.50 20.61
CA ASN A 563 -20.32 7.59 20.32
C ASN A 563 -19.92 7.29 18.87
N LEU A 564 -20.89 7.37 17.94
CA LEU A 564 -20.60 7.11 16.51
C LEU A 564 -19.76 8.27 15.93
N LYS A 565 -18.59 7.92 15.40
CA LYS A 565 -17.64 8.94 14.91
C LYS A 565 -17.51 9.03 13.40
N VAL A 566 -17.48 7.87 12.74
CA VAL A 566 -17.18 7.80 11.31
C VAL A 566 -18.26 6.96 10.69
N LEU A 567 -18.96 7.52 9.71
CA LEU A 567 -19.96 6.80 8.95
C LEU A 567 -19.71 6.97 7.45
N ASN A 568 -19.68 5.85 6.75
CA ASN A 568 -19.44 5.81 5.33
C ASN A 568 -20.66 5.29 4.62
N LEU A 569 -21.34 6.24 3.97
CA LEU A 569 -22.51 5.93 3.15
C LEU A 569 -22.18 6.06 1.65
N SER A 570 -20.92 5.84 1.25
CA SER A 570 -20.48 6.04 -0.13
C SER A 570 -21.12 5.03 -1.09
N HIS A 571 -21.34 5.48 -2.32
CA HIS A 571 -21.74 4.59 -3.42
C HIS A 571 -23.00 3.83 -3.09
N ASN A 572 -23.94 4.53 -2.47
CA ASN A 572 -25.21 3.98 -2.18
C ASN A 572 -26.33 4.45 -3.12
N ASN A 573 -26.05 5.41 -4.02
CA ASN A 573 -27.09 5.87 -4.91
C ASN A 573 -28.33 6.42 -4.15
N ILE A 574 -28.09 7.04 -2.99
CA ILE A 574 -29.18 7.54 -2.18
C ILE A 574 -29.80 8.77 -2.82
N TYR A 575 -31.11 8.70 -3.02
CA TYR A 575 -31.85 9.81 -3.61
C TYR A 575 -33.18 9.99 -3.01
N THR A 576 -33.57 9.10 -2.11
CA THR A 576 -34.84 9.18 -1.48
C THR A 576 -34.84 8.45 -0.17
N LEU A 577 -35.38 9.13 0.86
CA LEU A 577 -35.53 8.55 2.22
C LEU A 577 -36.96 8.51 2.71
N THR A 578 -37.25 7.61 3.64
CA THR A 578 -38.56 7.48 4.20
C THR A 578 -38.76 8.29 5.50
N ASP A 579 -39.84 9.10 5.54
CA ASP A 579 -40.35 9.80 6.76
C ASP A 579 -39.41 10.91 7.25
N LYS A 580 -38.19 10.51 7.61
CA LYS A 580 -37.19 11.45 8.09
C LYS A 580 -36.19 11.78 7.00
N TYR A 581 -36.08 13.04 6.67
CA TYR A 581 -35.26 13.46 5.57
C TYR A 581 -33.94 14.00 6.04
N ASN A 582 -33.78 14.05 7.37
CA ASN A 582 -32.62 14.66 7.97
C ASN A 582 -31.74 13.65 8.69
N LEU A 583 -30.42 13.71 8.45
CA LEU A 583 -29.50 12.91 9.28
C LEU A 583 -29.16 13.73 10.51
N GLU A 584 -29.15 13.06 11.68
CA GLU A 584 -28.82 13.68 12.96
C GLU A 584 -27.87 12.83 13.83
N SER A 585 -26.96 13.51 14.50
CA SER A 585 -26.05 12.90 15.49
C SER A 585 -25.27 13.99 16.23
N LYS A 586 -25.24 13.84 17.54
CA LYS A 586 -24.45 14.70 18.39
C LYS A 586 -22.99 14.33 18.44
N SER A 587 -22.65 13.16 17.89
CA SER A 587 -21.26 12.68 17.97
C SER A 587 -20.51 12.69 16.63
N LEU A 588 -21.18 12.31 15.54
CA LEU A 588 -20.50 12.05 14.28
C LEU A 588 -19.46 13.13 13.83
N VAL A 589 -18.27 12.66 13.53
CA VAL A 589 -17.14 13.46 13.11
C VAL A 589 -17.03 13.54 11.61
N GLU A 590 -17.23 12.39 10.97
CA GLU A 590 -16.96 12.23 9.55
C GLU A 590 -18.08 11.51 8.88
N LEU A 591 -18.59 12.13 7.79
CA LEU A 591 -19.64 11.51 7.00
C LEU A 591 -19.18 11.44 5.53
N VAL A 592 -19.07 10.22 5.03
CA VAL A 592 -18.74 10.00 3.62
C VAL A 592 -20.03 9.74 2.85
N PHE A 593 -20.37 10.67 1.93
CA PHE A 593 -21.63 10.68 1.19
C PHE A 593 -21.36 10.74 -0.34
N SER A 594 -20.21 10.26 -0.74
CA SER A 594 -19.80 10.33 -2.11
C SER A 594 -20.60 9.29 -2.88
N GLY A 595 -20.81 9.53 -4.18
CA GLY A 595 -21.50 8.51 -5.01
C GLY A 595 -22.94 8.28 -4.61
N ASN A 596 -23.59 9.35 -4.16
CA ASN A 596 -25.01 9.32 -4.00
C ASN A 596 -25.64 10.32 -4.98
N ARG A 597 -26.90 10.71 -4.78
CA ARG A 597 -27.61 11.56 -5.72
C ARG A 597 -28.12 12.86 -5.07
N LEU A 598 -27.19 13.69 -4.58
CA LEU A 598 -27.57 14.94 -3.99
C LEU A 598 -28.16 15.83 -5.06
N ASP A 599 -27.81 15.56 -6.33
CA ASP A 599 -28.45 16.30 -7.45
C ASP A 599 -29.98 16.16 -7.45
N ILE A 600 -30.48 14.98 -7.12
CA ILE A 600 -31.89 14.77 -6.94
C ILE A 600 -32.39 15.19 -5.56
N LEU A 601 -31.67 14.86 -4.50
CA LEU A 601 -32.13 15.25 -3.13
C LEU A 601 -32.36 16.80 -3.02
N TRP A 602 -31.46 17.60 -3.61
CA TRP A 602 -31.50 19.05 -3.57
C TRP A 602 -32.10 19.67 -4.85
N ASN A 603 -32.92 18.89 -5.56
CA ASN A 603 -33.64 19.38 -6.74
C ASN A 603 -34.41 20.70 -6.42
N ASP A 604 -34.26 21.72 -7.24
CA ASP A 604 -34.96 23.00 -6.99
C ASP A 604 -36.47 22.88 -6.63
N ASP A 605 -37.20 21.90 -7.14
CA ASP A 605 -38.61 21.83 -6.81
C ASP A 605 -38.91 21.07 -5.51
N ASP A 606 -37.88 20.72 -4.74
CA ASP A 606 -38.10 19.86 -3.55
C ASP A 606 -37.34 20.46 -2.40
N ASN A 607 -38.07 20.77 -1.34
CA ASN A 607 -37.45 21.39 -0.18
C ASN A 607 -37.12 20.43 0.96
N ARG A 608 -37.56 19.20 0.86
CA ARG A 608 -37.49 18.33 1.99
C ARG A 608 -36.04 18.03 2.47
N TYR A 609 -35.02 18.08 1.60
CA TYR A 609 -33.68 17.65 2.03
C TYR A 609 -32.70 18.86 2.22
N ILE A 610 -33.27 20.05 2.30
CA ILE A 610 -32.50 21.27 2.30
C ILE A 610 -31.64 21.41 3.59
N SER A 611 -32.01 20.67 4.64
CA SER A 611 -31.23 20.59 5.90
C SER A 611 -30.72 19.22 6.19
N ILE A 612 -30.50 18.40 5.14
CA ILE A 612 -30.15 16.99 5.32
C ILE A 612 -28.97 16.70 6.31
N PHE A 613 -27.92 17.53 6.29
CA PHE A 613 -26.72 17.32 7.13
C PHE A 613 -26.63 18.25 8.36
N LYS A 614 -27.61 19.14 8.50
CA LYS A 614 -27.50 20.19 9.51
C LYS A 614 -27.47 19.67 10.91
N GLY A 615 -28.27 18.64 11.20
CA GLY A 615 -28.32 18.02 12.47
C GLY A 615 -27.11 17.19 12.85
N LEU A 616 -26.12 17.08 11.95
CA LEU A 616 -24.84 16.43 12.31
C LEU A 616 -23.99 17.49 12.99
N LYS A 617 -24.31 17.75 14.26
CA LYS A 617 -23.88 18.98 14.94
C LYS A 617 -22.42 18.99 15.34
N ASN A 618 -21.79 17.82 15.33
CA ASN A 618 -20.40 17.71 15.63
C ASN A 618 -19.50 17.56 14.36
N LEU A 619 -20.11 17.55 13.18
CA LEU A 619 -19.39 17.07 12.03
C LEU A 619 -18.24 17.98 11.67
N THR A 620 -17.05 17.40 11.47
CA THR A 620 -15.96 18.19 10.93
C THR A 620 -15.59 17.87 9.47
N ARG A 621 -15.82 16.61 9.09
CA ARG A 621 -15.43 16.16 7.75
C ARG A 621 -16.60 15.63 6.94
N LEU A 622 -16.77 16.20 5.76
CA LEU A 622 -17.86 15.84 4.88
C LEU A 622 -17.45 15.70 3.40
N ASP A 623 -17.82 14.55 2.82
CA ASP A 623 -17.43 14.20 1.48
C ASP A 623 -18.63 14.09 0.56
N LEU A 624 -18.77 15.11 -0.31
CA LEU A 624 -19.93 15.21 -1.22
C LEU A 624 -19.55 14.93 -2.65
N SER A 625 -18.43 14.24 -2.86
CA SER A 625 -17.94 13.95 -4.22
C SER A 625 -18.86 13.05 -4.99
N LEU A 626 -18.73 13.10 -6.31
CA LEU A 626 -19.45 12.13 -7.15
C LEU A 626 -20.94 12.07 -6.83
N ASN A 627 -21.60 13.23 -6.68
CA ASN A 627 -23.05 13.27 -6.51
C ASN A 627 -23.78 13.91 -7.75
N ARG A 628 -23.08 13.99 -8.88
CA ARG A 628 -23.63 14.56 -10.13
C ARG A 628 -24.17 15.98 -9.96
N LEU A 629 -23.58 16.77 -9.04
CA LEU A 629 -24.09 18.10 -8.82
C LEU A 629 -23.68 19.12 -9.89
N LYS A 630 -24.68 19.79 -10.45
CA LYS A 630 -24.46 20.86 -11.39
C LYS A 630 -24.52 22.20 -10.69
N HIS A 631 -25.36 22.32 -9.68
CA HIS A 631 -25.26 23.45 -8.75
C HIS A 631 -25.73 23.04 -7.37
N ILE A 632 -25.40 23.83 -6.38
CA ILE A 632 -25.92 23.61 -5.04
C ILE A 632 -26.78 24.81 -4.67
N PRO A 633 -28.05 24.58 -4.32
CA PRO A 633 -28.88 25.68 -3.92
C PRO A 633 -28.26 26.41 -2.72
N ASN A 634 -28.27 27.72 -2.76
CA ASN A 634 -27.58 28.52 -1.74
C ASN A 634 -28.06 28.09 -0.35
N GLU A 635 -29.36 27.88 -0.20
CA GLU A 635 -29.95 27.48 1.09
C GLU A 635 -29.39 26.13 1.55
N ALA A 636 -29.14 25.20 0.61
CA ALA A 636 -28.63 23.88 0.95
C ALA A 636 -27.21 24.00 1.42
N PHE A 637 -26.41 24.85 0.76
CA PHE A 637 -25.06 25.08 1.19
C PHE A 637 -24.95 25.72 2.61
N LEU A 638 -25.81 26.69 2.85
CA LEU A 638 -25.83 27.42 4.12
C LEU A 638 -26.35 26.57 5.26
N ASN A 639 -27.01 25.45 4.94
CA ASN A 639 -27.45 24.49 5.96
C ASN A 639 -26.49 23.31 6.20
N LEU A 640 -25.37 23.33 5.55
CA LEU A 640 -24.31 22.37 5.90
C LEU A 640 -23.78 22.77 7.31
N PRO A 641 -23.35 21.80 8.13
CA PRO A 641 -23.07 22.15 9.53
C PRO A 641 -21.89 23.10 9.68
N ALA A 642 -22.05 24.09 10.57
CA ALA A 642 -21.06 25.16 10.74
C ALA A 642 -19.79 24.67 11.43
N SER A 643 -19.87 23.45 11.97
CA SER A 643 -18.78 22.77 12.62
C SER A 643 -17.73 22.30 11.61
N LEU A 644 -18.04 22.35 10.31
CA LEU A 644 -17.12 21.72 9.33
C LEU A 644 -15.75 22.33 9.22
N THR A 645 -14.74 21.46 9.29
CA THR A 645 -13.39 21.84 8.95
C THR A 645 -12.92 21.33 7.58
N GLU A 646 -13.59 20.32 7.03
CA GLU A 646 -13.15 19.75 5.72
C GLU A 646 -14.34 19.35 4.86
N LEU A 647 -14.39 19.94 3.69
CA LEU A 647 -15.48 19.74 2.77
C LEU A 647 -14.95 19.42 1.34
N HIS A 648 -15.42 18.28 0.83
CA HIS A 648 -15.04 17.78 -0.48
C HIS A 648 -16.25 17.80 -1.35
N ILE A 649 -16.14 18.49 -2.48
CA ILE A 649 -17.21 18.47 -3.48
C ILE A 649 -16.64 18.22 -4.86
N ASN A 650 -15.59 17.42 -4.86
CA ASN A 650 -14.88 17.05 -6.07
C ASN A 650 -15.64 16.07 -6.96
N ASP A 651 -15.31 16.10 -8.23
CA ASP A 651 -15.88 15.17 -9.23
C ASP A 651 -17.39 15.25 -9.27
N ASN A 652 -17.83 16.49 -9.35
CA ASN A 652 -19.24 16.81 -9.63
C ASN A 652 -19.25 17.53 -10.97
N MET A 653 -20.25 18.37 -11.24
CA MET A 653 -20.29 19.11 -12.52
C MET A 653 -20.59 20.57 -12.29
N LEU A 654 -19.98 21.15 -11.27
CA LEU A 654 -20.30 22.50 -10.87
C LEU A 654 -19.67 23.49 -11.85
N LYS A 655 -20.52 24.41 -12.29
CA LYS A 655 -20.15 25.53 -13.12
C LYS A 655 -19.78 26.73 -12.29
N PHE A 656 -20.38 26.80 -11.10
CA PHE A 656 -20.34 28.01 -10.27
C PHE A 656 -20.28 27.58 -8.84
N PHE A 657 -19.56 28.37 -8.08
CA PHE A 657 -19.49 28.18 -6.64
C PHE A 657 -19.70 29.52 -6.02
N ASN A 658 -20.61 29.57 -5.06
CA ASN A 658 -20.84 30.82 -4.37
C ASN A 658 -19.85 31.04 -3.23
N TRP A 659 -18.77 31.77 -3.52
CA TRP A 659 -17.69 31.99 -2.56
C TRP A 659 -18.14 32.73 -1.31
N THR A 660 -19.14 33.61 -1.48
CA THR A 660 -19.61 34.46 -0.39
C THR A 660 -20.07 33.60 0.78
N LEU A 661 -20.54 32.40 0.49
CA LEU A 661 -21.12 31.57 1.58
C LEU A 661 -20.09 30.93 2.52
N LEU A 662 -18.81 31.07 2.18
CA LEU A 662 -17.76 30.64 3.09
C LEU A 662 -17.75 31.50 4.36
N GLN A 663 -18.42 32.65 4.34
CA GLN A 663 -18.49 33.48 5.55
C GLN A 663 -19.23 32.71 6.64
N GLN A 664 -20.06 31.75 6.26
CA GLN A 664 -20.83 31.00 7.24
C GLN A 664 -20.12 29.78 7.74
N PHE A 665 -18.86 29.56 7.31
CA PHE A 665 -18.07 28.40 7.75
C PHE A 665 -16.72 28.82 8.31
N PRO A 666 -16.72 29.36 9.55
CA PRO A 666 -15.50 29.97 10.11
C PRO A 666 -14.45 28.98 10.60
N ARG A 667 -14.77 27.69 10.55
CA ARG A 667 -13.83 26.68 10.93
C ARG A 667 -13.29 25.93 9.70
N LEU A 668 -13.72 26.32 8.51
CA LEU A 668 -13.37 25.59 7.32
C LEU A 668 -11.89 25.73 7.01
N GLU A 669 -11.20 24.58 6.98
CA GLU A 669 -9.78 24.50 6.72
C GLU A 669 -9.40 23.95 5.37
N LEU A 670 -10.17 22.97 4.92
CA LEU A 670 -9.94 22.37 3.62
C LEU A 670 -11.20 22.44 2.81
N LEU A 671 -11.05 22.94 1.56
CA LEU A 671 -12.13 22.91 0.57
C LEU A 671 -11.64 22.30 -0.72
N ASP A 672 -12.31 21.26 -1.16
CA ASP A 672 -11.82 20.46 -2.27
C ASP A 672 -12.86 20.46 -3.39
N LEU A 673 -12.57 21.25 -4.46
CA LEU A 673 -13.48 21.42 -5.60
C LEU A 673 -12.87 20.89 -6.93
N ARG A 674 -11.93 19.96 -6.82
CA ARG A 674 -11.32 19.33 -7.98
C ARG A 674 -12.34 18.64 -8.88
N GLY A 675 -12.07 18.70 -10.19
CA GLY A 675 -12.88 17.91 -11.11
C GLY A 675 -14.32 18.37 -11.24
N ASN A 676 -14.50 19.67 -11.35
CA ASN A 676 -15.78 20.27 -11.66
C ASN A 676 -15.66 21.11 -12.95
N LYS A 677 -16.57 22.04 -13.22
CA LYS A 677 -16.45 22.85 -14.46
C LYS A 677 -16.30 24.34 -14.17
N LEU A 678 -15.52 24.68 -13.15
CA LEU A 678 -15.52 26.05 -12.63
C LEU A 678 -14.71 26.96 -13.57
N LEU A 679 -15.17 28.19 -13.76
CA LEU A 679 -14.52 29.12 -14.72
C LEU A 679 -13.89 30.33 -14.04
N PHE A 680 -14.24 30.55 -12.79
CA PHE A 680 -14.08 31.83 -12.18
C PHE A 680 -13.75 31.64 -10.71
N LEU A 681 -12.76 32.38 -10.23
CA LEU A 681 -12.53 32.53 -8.81
C LEU A 681 -12.89 33.91 -8.30
N THR A 682 -13.29 33.97 -7.04
CA THR A 682 -13.56 35.23 -6.41
C THR A 682 -12.29 36.08 -6.30
N ASP A 683 -12.44 37.39 -6.37
CA ASP A 683 -11.28 38.29 -6.21
C ASP A 683 -11.22 38.77 -4.78
N SER A 684 -12.16 38.30 -3.96
CA SER A 684 -12.24 38.78 -2.60
C SER A 684 -12.30 37.65 -1.58
N LEU A 685 -11.36 36.73 -1.70
CA LEU A 685 -11.36 35.53 -0.87
C LEU A 685 -11.25 35.86 0.62
N SER A 686 -10.38 36.81 0.99
CA SER A 686 -10.16 37.12 2.38
C SER A 686 -11.36 37.85 3.00
N ASP A 687 -12.30 38.30 2.18
CA ASP A 687 -13.58 38.81 2.72
C ASP A 687 -14.46 37.66 3.20
N PHE A 688 -14.21 36.46 2.71
CA PHE A 688 -15.14 35.34 2.97
C PHE A 688 -14.61 34.25 3.88
N THR A 689 -13.29 34.23 4.07
CA THR A 689 -12.69 33.25 4.98
C THR A 689 -11.42 33.81 5.56
N SER A 690 -11.21 33.53 6.85
CA SER A 690 -9.92 33.67 7.44
C SER A 690 -9.30 32.34 7.87
N SER A 691 -9.98 31.22 7.57
CA SER A 691 -9.62 29.89 8.09
C SER A 691 -9.01 28.90 7.08
N LEU A 692 -9.18 29.16 5.80
CA LEU A 692 -8.89 28.18 4.76
C LEU A 692 -7.37 27.96 4.68
N ARG A 693 -6.97 26.70 4.75
CA ARG A 693 -5.56 26.31 4.72
C ARG A 693 -5.24 25.53 3.48
N THR A 694 -6.24 24.84 2.93
CA THR A 694 -6.03 24.04 1.71
C THR A 694 -7.19 24.25 0.75
N LEU A 695 -6.87 24.66 -0.47
CA LEU A 695 -7.85 24.87 -1.50
C LEU A 695 -7.41 24.12 -2.73
N LEU A 696 -8.19 23.14 -3.13
CA LEU A 696 -7.84 22.22 -4.21
C LEU A 696 -8.79 22.52 -5.35
N LEU A 697 -8.23 22.98 -6.47
CA LEU A 697 -9.02 23.46 -7.61
C LEU A 697 -8.57 22.86 -8.94
N SER A 698 -7.80 21.80 -8.89
CA SER A 698 -7.41 21.14 -10.14
C SER A 698 -8.56 20.54 -10.97
N HIS A 699 -8.33 20.44 -12.28
CA HIS A 699 -9.33 19.91 -13.20
C HIS A 699 -10.61 20.74 -13.12
N ASN A 700 -10.44 22.05 -13.28
CA ASN A 700 -11.55 22.93 -13.57
C ASN A 700 -11.24 23.81 -14.81
N ARG A 701 -11.96 24.94 -14.99
CA ARG A 701 -11.82 25.73 -16.23
C ARG A 701 -11.41 27.14 -15.98
N ILE A 702 -10.46 27.30 -15.07
CA ILE A 702 -10.14 28.58 -14.54
C ILE A 702 -9.06 29.14 -15.42
N SER A 703 -9.35 30.27 -16.05
CA SER A 703 -8.40 30.94 -16.95
C SER A 703 -7.82 32.21 -16.40
N HIS A 704 -8.53 32.83 -15.46
CA HIS A 704 -8.03 34.02 -14.81
C HIS A 704 -7.79 33.69 -13.33
N LEU A 705 -6.67 34.16 -12.80
CA LEU A 705 -6.37 34.09 -11.39
C LEU A 705 -6.23 35.52 -10.85
N PRO A 706 -7.29 36.05 -10.23
CA PRO A 706 -7.33 37.50 -9.95
C PRO A 706 -6.10 37.97 -9.21
N SER A 707 -5.47 39.04 -9.69
CA SER A 707 -4.48 39.70 -8.85
C SER A 707 -5.32 40.17 -7.69
N GLY A 708 -4.79 40.01 -6.49
CA GLY A 708 -5.60 40.10 -5.31
C GLY A 708 -5.94 38.78 -4.63
N PHE A 709 -6.08 37.69 -5.38
CA PHE A 709 -6.58 36.42 -4.81
C PHE A 709 -5.97 36.11 -3.44
N LEU A 710 -4.64 36.16 -3.42
CA LEU A 710 -3.81 36.16 -2.23
C LEU A 710 -4.25 36.91 -0.98
N SER A 711 -4.89 38.07 -1.18
CA SER A 711 -4.75 39.20 -0.25
C SER A 711 -5.13 38.82 1.16
N GLU A 712 -4.22 39.03 2.10
CA GLU A 712 -4.50 38.83 3.53
C GLU A 712 -5.06 37.45 3.86
N VAL A 713 -4.82 36.46 2.99
CA VAL A 713 -5.42 35.15 3.18
C VAL A 713 -4.69 34.33 4.23
N SER A 714 -3.36 34.33 4.19
CA SER A 714 -2.58 34.13 5.42
C SER A 714 -2.63 32.71 6.01
N SER A 715 -3.84 32.21 6.30
CA SER A 715 -4.03 30.81 6.65
C SER A 715 -3.68 29.83 5.51
N LEU A 716 -3.71 30.26 4.25
CA LEU A 716 -3.54 29.34 3.11
C LEU A 716 -2.13 28.75 2.91
N LYS A 717 -2.02 27.47 3.19
CA LYS A 717 -0.79 26.71 3.10
C LYS A 717 -0.65 26.08 1.72
N HIS A 718 -1.75 25.58 1.18
CA HIS A 718 -1.69 24.68 0.04
C HIS A 718 -2.70 25.10 -1.01
N LEU A 719 -2.23 25.60 -2.14
CA LEU A 719 -3.13 25.98 -3.22
C LEU A 719 -2.93 25.10 -4.43
N ASP A 720 -4.00 24.47 -4.92
CA ASP A 720 -3.89 23.53 -6.05
C ASP A 720 -4.63 24.01 -7.30
N LEU A 721 -3.90 24.57 -8.27
CA LEU A 721 -4.49 25.09 -9.51
C LEU A 721 -4.13 24.29 -10.74
N SER A 722 -3.64 23.08 -10.54
CA SER A 722 -3.18 22.28 -11.65
C SER A 722 -4.36 21.90 -12.51
N SER A 723 -4.06 21.49 -13.75
CA SER A 723 -5.05 21.09 -14.75
C SER A 723 -6.26 22.02 -14.91
N ASN A 724 -5.96 23.28 -15.20
CA ASN A 724 -6.98 24.28 -15.49
C ASN A 724 -6.57 24.95 -16.83
N LEU A 725 -7.14 26.12 -17.13
CA LEU A 725 -7.02 26.70 -18.44
C LEU A 725 -6.15 27.94 -18.40
N LEU A 726 -5.12 27.94 -17.56
CA LEU A 726 -4.43 29.18 -17.26
C LEU A 726 -3.32 29.49 -18.27
N LYS A 727 -3.52 30.54 -19.04
CA LYS A 727 -2.48 31.10 -19.90
C LYS A 727 -1.33 31.71 -19.10
N THR A 728 -1.63 32.32 -17.96
CA THR A 728 -0.60 33.04 -17.20
C THR A 728 -0.89 33.10 -15.71
N ILE A 729 0.09 33.58 -14.94
CA ILE A 729 -0.09 33.87 -13.55
C ILE A 729 0.60 35.17 -13.15
N ASN A 730 -0.19 36.15 -12.73
CA ASN A 730 0.31 37.46 -12.31
C ASN A 730 1.05 37.35 -10.96
N LYS A 731 2.07 38.18 -10.76
CA LYS A 731 2.79 38.25 -9.48
C LYS A 731 1.88 38.52 -8.32
N SER A 732 1.12 39.60 -8.48
CA SER A 732 0.34 40.18 -7.41
C SER A 732 -0.56 39.10 -6.83
N ALA A 733 -1.09 38.25 -7.71
CA ALA A 733 -2.04 37.23 -7.33
C ALA A 733 -1.55 36.33 -6.20
N LEU A 734 -0.29 36.46 -5.82
CA LEU A 734 0.26 35.65 -4.74
C LEU A 734 0.76 36.48 -3.54
N GLU A 735 1.23 37.70 -3.77
CA GLU A 735 2.08 38.42 -2.80
C GLU A 735 1.33 38.94 -1.55
N THR A 736 0.91 38.03 -0.66
CA THR A 736 0.13 38.38 0.56
C THR A 736 0.85 39.43 1.41
N LYS A 737 0.18 40.56 1.63
CA LYS A 737 0.75 41.67 2.40
C LYS A 737 0.70 41.44 3.93
N THR A 738 -0.02 40.40 4.36
CA THR A 738 0.17 39.80 5.69
C THR A 738 1.27 38.72 5.58
N THR A 739 1.44 37.92 6.63
CA THR A 739 2.30 36.73 6.55
C THR A 739 1.60 35.67 5.66
N THR A 740 2.36 35.02 4.76
CA THR A 740 1.86 33.87 4.01
C THR A 740 2.28 32.57 4.69
N LYS A 741 1.36 31.61 4.74
CA LYS A 741 1.70 30.25 5.13
C LYS A 741 1.95 29.37 3.90
N LEU A 742 2.01 29.99 2.71
CA LEU A 742 2.21 29.25 1.46
C LEU A 742 3.40 28.31 1.53
N SER A 743 3.15 27.02 1.39
CA SER A 743 4.21 26.06 1.34
C SER A 743 4.02 25.06 0.21
N MET A 744 2.87 25.07 -0.45
CA MET A 744 2.66 24.21 -1.60
C MET A 744 1.73 24.86 -2.59
N LEU A 745 2.17 24.85 -3.83
CA LEU A 745 1.47 25.52 -4.91
C LEU A 745 1.63 24.66 -6.13
N GLU A 746 0.51 24.11 -6.62
CA GLU A 746 0.50 23.22 -7.75
C GLU A 746 -0.02 23.89 -9.01
N LEU A 747 0.67 23.65 -10.15
CA LEU A 747 0.35 24.37 -11.39
C LEU A 747 0.45 23.57 -12.66
N HIS A 748 0.97 22.36 -12.54
CA HIS A 748 1.18 21.54 -13.72
C HIS A 748 -0.10 21.41 -14.53
N GLY A 749 0.05 21.18 -15.85
CA GLY A 749 -1.11 20.92 -16.74
C GLY A 749 -1.91 22.17 -17.10
N ASN A 750 -1.29 23.34 -16.92
CA ASN A 750 -1.84 24.57 -17.47
C ASN A 750 -1.12 25.05 -18.75
N PRO A 751 -1.87 25.58 -19.73
CA PRO A 751 -1.30 26.04 -21.02
C PRO A 751 -0.50 27.34 -20.97
N PHE A 752 0.63 27.34 -20.30
CA PHE A 752 1.27 28.58 -19.94
C PHE A 752 1.82 29.33 -21.17
N GLU A 753 2.09 30.63 -21.01
CA GLU A 753 2.78 31.40 -22.06
C GLU A 753 4.06 32.02 -21.53
N CYS A 754 5.17 31.70 -22.20
CA CYS A 754 6.48 32.03 -21.68
C CYS A 754 7.10 33.22 -22.41
N THR A 755 6.27 34.23 -22.70
CA THR A 755 6.73 35.57 -23.07
C THR A 755 7.65 36.11 -21.99
N CYS A 756 8.49 37.06 -22.37
CA CYS A 756 9.62 37.44 -21.52
C CYS A 756 9.17 37.68 -20.09
N ASP A 757 8.35 38.71 -19.84
CA ASP A 757 7.63 38.89 -18.55
C ASP A 757 6.51 37.84 -18.38
N ILE A 758 6.57 36.96 -17.38
CA ILE A 758 7.73 36.10 -17.01
C ILE A 758 7.11 34.94 -16.28
N GLY A 759 6.22 35.29 -15.35
CA GLY A 759 6.17 36.67 -14.87
C GLY A 759 7.14 36.84 -13.70
N ASP A 760 7.18 38.05 -13.17
CA ASP A 760 7.24 38.22 -11.75
C ASP A 760 7.05 36.83 -11.10
N PHE A 761 6.24 35.98 -11.73
CA PHE A 761 6.16 34.60 -11.30
C PHE A 761 7.52 33.94 -11.12
N ARG A 762 8.29 33.80 -12.18
CA ARG A 762 9.60 33.21 -11.99
C ARG A 762 10.35 33.96 -10.89
N ARG A 763 10.32 35.29 -10.94
CA ARG A 763 10.95 36.10 -9.89
C ARG A 763 10.41 35.76 -8.50
N TRP A 764 9.11 35.53 -8.47
CA TRP A 764 8.45 35.19 -7.24
C TRP A 764 8.96 33.85 -6.76
N MET A 765 8.99 32.88 -7.68
CA MET A 765 9.41 31.52 -7.38
C MET A 765 10.72 31.54 -6.60
N ASP A 766 11.67 32.34 -7.09
CA ASP A 766 12.99 32.43 -6.46
C ASP A 766 12.92 33.29 -5.22
N GLU A 767 12.03 34.27 -5.23
CA GLU A 767 11.80 35.08 -4.05
C GLU A 767 11.27 34.22 -2.88
N HIS A 768 10.79 33.01 -3.18
CA HIS A 768 10.23 32.13 -2.16
C HIS A 768 10.61 30.68 -2.42
N LEU A 769 11.90 30.39 -2.42
CA LEU A 769 12.38 29.08 -2.86
C LEU A 769 11.84 27.91 -2.01
N ASN A 770 11.17 28.24 -0.91
CA ASN A 770 10.73 27.22 0.04
C ASN A 770 9.28 26.82 -0.17
N VAL A 771 8.63 27.34 -1.21
CA VAL A 771 7.28 26.91 -1.61
C VAL A 771 7.34 25.74 -2.57
N LYS A 772 7.21 24.53 -2.04
CA LYS A 772 7.22 23.36 -2.89
C LYS A 772 6.24 23.58 -4.02
N ILE A 773 6.71 23.42 -5.26
CA ILE A 773 5.80 23.34 -6.38
C ILE A 773 6.02 22.03 -7.14
N PRO A 774 5.30 20.99 -6.72
CA PRO A 774 5.60 19.70 -7.31
C PRO A 774 5.42 19.71 -8.83
N ARG A 775 5.92 18.68 -9.48
CA ARG A 775 5.70 18.52 -10.90
C ARG A 775 6.01 19.79 -11.69
N LEU A 776 7.05 20.51 -11.28
CA LEU A 776 7.47 21.73 -11.94
C LEU A 776 7.89 21.54 -13.41
N VAL A 777 8.45 20.38 -13.71
CA VAL A 777 8.73 19.98 -15.08
C VAL A 777 7.50 19.79 -15.93
N ASP A 778 6.34 19.61 -15.26
CA ASP A 778 5.07 19.42 -15.95
C ASP A 778 4.26 20.69 -16.09
N VAL A 779 4.80 21.78 -15.57
CA VAL A 779 4.31 23.12 -15.85
C VAL A 779 4.92 23.57 -17.19
N ILE A 780 4.15 23.41 -18.26
CA ILE A 780 4.71 23.43 -19.61
C ILE A 780 4.21 24.60 -20.42
N CYS A 781 5.14 25.50 -20.78
CA CYS A 781 4.88 26.52 -21.83
C CYS A 781 4.13 25.84 -22.95
N ALA A 782 2.91 26.28 -23.22
CA ALA A 782 2.29 25.97 -24.49
C ALA A 782 2.55 27.09 -25.51
N SER A 783 3.42 28.04 -25.16
CA SER A 783 3.66 29.21 -26.00
C SER A 783 4.65 30.14 -25.33
N PRO A 784 5.30 30.97 -26.14
CA PRO A 784 5.14 30.99 -27.61
C PRO A 784 5.75 29.76 -28.30
N GLY A 785 5.47 29.57 -29.60
CA GLY A 785 5.92 28.42 -30.39
C GLY A 785 7.39 27.98 -30.31
N ASP A 786 8.30 28.93 -30.06
CA ASP A 786 9.68 28.61 -29.62
C ASP A 786 9.73 27.84 -28.27
N GLN A 787 8.58 27.56 -27.66
CA GLN A 787 8.51 26.83 -26.38
C GLN A 787 7.47 25.71 -26.35
N ARG A 788 6.64 25.64 -27.38
CA ARG A 788 5.32 24.97 -27.30
C ARG A 788 5.25 23.67 -26.50
N GLY A 789 6.38 23.03 -26.20
CA GLY A 789 6.41 21.90 -25.25
C GLY A 789 7.48 21.99 -24.17
N LYS A 790 7.91 23.21 -23.84
CA LYS A 790 9.01 23.40 -22.90
C LYS A 790 8.51 23.61 -21.46
N SER A 791 9.29 23.16 -20.49
CA SER A 791 9.08 23.51 -19.09
C SER A 791 9.63 24.89 -18.81
N ILE A 792 8.94 25.64 -17.95
CA ILE A 792 9.48 26.90 -17.45
C ILE A 792 10.55 26.50 -16.45
N VAL A 793 11.60 27.29 -16.25
CA VAL A 793 11.96 28.47 -17.06
C VAL A 793 13.27 28.16 -17.81
N SER A 794 13.59 28.95 -18.83
CA SER A 794 14.80 28.69 -19.61
C SER A 794 15.19 29.88 -20.51
N LEU A 795 15.54 30.99 -19.87
CA LEU A 795 16.13 32.12 -20.61
C LEU A 795 16.69 33.16 -19.63
#